data_1QF3
#
_entry.id   1QF3
#
_cell.length_a   128.953
_cell.length_b   126.683
_cell.length_c   77.284
_cell.angle_alpha   90.00
_cell.angle_beta   90.00
_cell.angle_gamma   90.00
#
_symmetry.space_group_name_H-M   'P 21 21 2'
#
loop_
_entity.id
_entity.type
_entity.pdbx_description
1 polymer 'PROTEIN (PEANUT LECTIN)'
2 non-polymer 'methyl beta-D-galactopyranoside'
3 non-polymer 'CALCIUM ION'
4 non-polymer 'MANGANESE (II) ION'
5 water water
#
_entity_poly.entity_id   1
_entity_poly.type   'polypeptide(L)'
_entity_poly.pdbx_seq_one_letter_code
;AETVSFNFNSFSEGNPAINFQGDVTVLSNGNIQLTNLNKVNSVGRVLYAMPVRIWSSATGNVASFLTSFSFEMKDIKDYD
PADGIIFFIAPEDTQIPAGSIGGGTLGVSDTKGAGHFVGVEFDTYSNSEYNDPPTDHVGIDVNSVDSVKTVPWNSVSGAV
VKVTVIYDSSTKTLSVAVTNDNGDITTIAQVVDLKAKLPERVKFGFSASGSLGGRQIHLIRSWSFTSTLITTTRRS
;
_entity_poly.pdbx_strand_id   A,B,C,D
#
loop_
_chem_comp.id
_chem_comp.type
_chem_comp.name
_chem_comp.formula
CA non-polymer 'CALCIUM ION' 'Ca 2'
MBG D-saccharide 'methyl beta-D-galactopyranoside' 'C7 H14 O6'
MN non-polymer 'MANGANESE (II) ION' 'Mn 2'
#
# COMPACT_ATOMS: atom_id res chain seq x y z
N ALA A 1 7.06 -5.17 -13.61
CA ALA A 1 8.07 -5.01 -12.54
C ALA A 1 7.78 -6.04 -11.46
N GLU A 2 8.83 -6.48 -10.78
CA GLU A 2 8.75 -7.48 -9.72
C GLU A 2 8.95 -6.77 -8.39
N THR A 3 7.89 -6.70 -7.61
CA THR A 3 7.92 -6.01 -6.33
C THR A 3 7.59 -6.87 -5.10
N VAL A 4 8.42 -6.75 -4.06
CA VAL A 4 8.26 -7.46 -2.81
C VAL A 4 8.11 -6.39 -1.75
N SER A 5 7.04 -6.43 -0.96
CA SER A 5 6.84 -5.45 0.11
C SER A 5 6.10 -6.00 1.33
N PHE A 6 6.56 -5.60 2.51
CA PHE A 6 5.95 -6.04 3.76
C PHE A 6 6.11 -4.94 4.80
N ASN A 7 5.29 -5.02 5.84
CA ASN A 7 5.31 -4.04 6.90
C ASN A 7 5.04 -4.70 8.25
N PHE A 8 5.95 -4.49 9.20
CA PHE A 8 5.84 -5.07 10.54
C PHE A 8 5.78 -4.01 11.65
N ASN A 9 4.59 -3.84 12.23
CA ASN A 9 4.41 -2.87 13.31
C ASN A 9 4.73 -3.57 14.63
N SER A 10 4.53 -4.89 14.62
CA SER A 10 4.78 -5.75 15.78
C SER A 10 5.08 -7.14 15.25
N PHE A 11 5.93 -7.86 15.97
CA PHE A 11 6.29 -9.21 15.57
C PHE A 11 5.65 -10.22 16.51
N SER A 12 5.45 -11.43 16.01
CA SER A 12 4.86 -12.48 16.82
C SER A 12 5.50 -13.80 16.47
N GLU A 13 5.72 -14.63 17.49
CA GLU A 13 6.31 -15.93 17.28
C GLU A 13 5.19 -16.81 16.72
N GLY A 14 5.49 -17.49 15.62
CA GLY A 14 4.49 -18.32 14.98
C GLY A 14 4.14 -17.81 13.59
N ASN A 15 4.61 -16.61 13.27
CA ASN A 15 4.36 -16.03 11.96
C ASN A 15 5.31 -16.67 10.96
N PRO A 16 4.77 -17.39 9.97
CA PRO A 16 5.58 -18.06 8.93
C PRO A 16 6.45 -17.15 8.07
N ALA A 17 6.22 -15.85 8.17
CA ALA A 17 6.99 -14.90 7.37
C ALA A 17 8.32 -14.53 7.99
N ILE A 18 8.52 -14.93 9.25
CA ILE A 18 9.77 -14.61 9.94
C ILE A 18 10.56 -15.85 10.34
N ASN A 19 11.88 -15.77 10.22
CA ASN A 19 12.78 -16.85 10.57
C ASN A 19 13.58 -16.39 11.77
N PHE A 20 13.52 -17.12 12.87
CA PHE A 20 14.31 -16.78 14.06
C PHE A 20 15.50 -17.73 14.13
N GLN A 21 16.67 -17.18 14.40
CA GLN A 21 17.88 -17.99 14.49
C GLN A 21 18.59 -17.55 15.77
N GLY A 22 19.01 -18.51 16.59
CA GLY A 22 19.71 -18.15 17.81
C GLY A 22 18.86 -17.78 19.02
N ASP A 23 19.40 -16.89 19.85
CA ASP A 23 18.76 -16.45 21.09
C ASP A 23 17.62 -15.42 20.94
N VAL A 24 17.05 -15.35 19.75
CA VAL A 24 15.96 -14.41 19.48
C VAL A 24 14.75 -14.74 20.32
N THR A 25 14.04 -13.71 20.76
CA THR A 25 12.84 -13.89 21.58
C THR A 25 11.84 -12.78 21.24
N VAL A 26 10.56 -13.10 21.30
CA VAL A 26 9.50 -12.13 21.02
C VAL A 26 8.79 -11.71 22.31
N LEU A 27 9.01 -10.47 22.72
CA LEU A 27 8.40 -9.95 23.95
C LEU A 27 6.90 -9.83 23.83
N SER A 28 6.22 -9.66 24.97
CA SER A 28 4.77 -9.52 24.99
C SER A 28 4.24 -8.25 24.31
N ASN A 29 5.10 -7.25 24.16
CA ASN A 29 4.72 -6.00 23.52
C ASN A 29 4.89 -6.04 21.99
N GLY A 30 5.33 -7.18 21.47
CA GLY A 30 5.53 -7.32 20.05
C GLY A 30 6.94 -7.07 19.57
N ASN A 31 7.80 -6.57 20.45
CA ASN A 31 9.18 -6.31 20.07
C ASN A 31 9.95 -7.60 20.01
N ILE A 32 11.09 -7.55 19.33
CA ILE A 32 11.96 -8.70 19.21
C ILE A 32 13.21 -8.35 20.00
N GLN A 33 13.62 -9.24 20.90
CA GLN A 33 14.84 -9.02 21.66
C GLN A 33 15.80 -10.00 21.01
N LEU A 34 16.89 -9.49 20.44
CA LEU A 34 17.84 -10.34 19.74
C LEU A 34 18.82 -11.21 20.54
N THR A 35 19.29 -10.73 21.68
CA THR A 35 20.21 -11.56 22.45
C THR A 35 19.67 -11.97 23.81
N ASN A 36 20.31 -12.98 24.41
CA ASN A 36 19.92 -13.48 25.72
C ASN A 36 20.85 -12.87 26.75
N LEU A 37 20.31 -12.11 27.68
CA LEU A 37 21.09 -11.45 28.71
C LEU A 37 21.85 -12.37 29.68
N ASN A 38 21.48 -13.64 29.70
CA ASN A 38 22.12 -14.60 30.60
C ASN A 38 23.09 -15.59 29.95
N LYS A 39 23.39 -15.40 28.67
CA LYS A 39 24.30 -16.29 27.96
C LYS A 39 25.61 -15.66 27.53
N VAL A 40 26.69 -16.44 27.62
CA VAL A 40 28.00 -16.00 27.20
C VAL A 40 27.99 -16.08 25.67
N ASN A 41 28.62 -15.10 25.02
CA ASN A 41 28.72 -15.02 23.55
C ASN A 41 27.36 -15.25 22.85
N SER A 42 26.31 -14.65 23.40
CA SER A 42 24.97 -14.77 22.86
C SER A 42 24.87 -14.22 21.45
N VAL A 43 24.04 -14.83 20.62
CA VAL A 43 23.83 -14.39 19.22
C VAL A 43 22.38 -14.65 18.83
N GLY A 44 21.73 -13.66 18.23
CA GLY A 44 20.35 -13.78 17.80
C GLY A 44 20.15 -13.09 16.46
N ARG A 45 19.41 -13.73 15.56
CA ARG A 45 19.19 -13.18 14.23
C ARG A 45 17.75 -13.41 13.79
N VAL A 46 17.21 -12.44 13.07
CA VAL A 46 15.84 -12.56 12.58
C VAL A 46 15.90 -12.26 11.08
N LEU A 47 15.26 -13.10 10.28
CA LEU A 47 15.27 -12.93 8.84
C LEU A 47 13.87 -12.95 8.25
N TYR A 48 13.70 -12.30 7.09
CA TYR A 48 12.43 -12.33 6.42
C TYR A 48 12.45 -13.70 5.72
N ALA A 49 11.53 -14.58 6.10
CA ALA A 49 11.45 -15.92 5.56
C ALA A 49 11.65 -16.10 4.06
N MET A 50 10.91 -15.34 3.25
CA MET A 50 11.00 -15.46 1.80
C MET A 50 12.27 -14.86 1.20
N PRO A 51 12.94 -15.62 0.31
CA PRO A 51 14.15 -15.10 -0.31
C PRO A 51 13.74 -14.09 -1.38
N VAL A 52 14.45 -12.97 -1.41
CA VAL A 52 14.16 -11.92 -2.38
C VAL A 52 15.17 -12.03 -3.52
N ARG A 53 14.68 -11.84 -4.74
CA ARG A 53 15.53 -11.90 -5.92
C ARG A 53 16.05 -10.48 -6.24
N ILE A 54 17.29 -10.17 -5.87
CA ILE A 54 17.86 -8.84 -6.09
C ILE A 54 18.47 -8.55 -7.46
N TRP A 55 18.69 -9.60 -8.25
CA TRP A 55 19.23 -9.39 -9.59
C TRP A 55 18.96 -10.58 -10.48
N SER A 56 18.90 -10.32 -11.78
CA SER A 56 18.59 -11.36 -12.75
C SER A 56 19.74 -11.60 -13.71
N SER A 57 20.16 -12.86 -13.83
CA SER A 57 21.24 -13.25 -14.72
C SER A 57 20.77 -13.20 -16.18
N ALA A 58 19.45 -13.28 -16.35
CA ALA A 58 18.83 -13.23 -17.68
C ALA A 58 18.93 -11.83 -18.28
N THR A 59 18.46 -10.83 -17.55
CA THR A 59 18.48 -9.44 -18.02
C THR A 59 19.77 -8.73 -17.63
N GLY A 60 20.17 -8.89 -16.38
CA GLY A 60 21.38 -8.26 -15.90
C GLY A 60 21.04 -7.12 -14.96
N ASN A 61 19.74 -6.92 -14.71
CA ASN A 61 19.26 -5.85 -13.84
C ASN A 61 19.45 -6.16 -12.36
N VAL A 62 19.63 -5.10 -11.58
CA VAL A 62 19.76 -5.19 -10.14
C VAL A 62 18.52 -4.44 -9.63
N ALA A 63 17.96 -4.85 -8.51
CA ALA A 63 16.78 -4.20 -7.96
C ALA A 63 17.12 -2.99 -7.08
N SER A 64 16.12 -2.18 -6.81
CA SER A 64 16.27 -1.00 -5.98
C SER A 64 15.40 -1.27 -4.78
N PHE A 65 15.78 -0.75 -3.62
CA PHE A 65 14.95 -0.98 -2.44
C PHE A 65 14.97 0.21 -1.49
N LEU A 66 13.88 0.32 -0.73
CA LEU A 66 13.70 1.36 0.26
C LEU A 66 13.22 0.59 1.49
N THR A 67 13.90 0.77 2.61
CA THR A 67 13.54 0.08 3.84
C THR A 67 13.79 0.99 5.03
N SER A 68 12.90 0.92 6.02
CA SER A 68 13.04 1.71 7.23
C SER A 68 12.67 0.86 8.44
N PHE A 69 13.40 1.04 9.53
CA PHE A 69 13.18 0.27 10.75
C PHE A 69 13.60 1.08 11.97
N SER A 70 13.08 0.71 13.13
CA SER A 70 13.43 1.39 14.37
C SER A 70 13.92 0.36 15.39
N PHE A 71 14.94 0.72 16.15
CA PHE A 71 15.48 -0.17 17.16
C PHE A 71 15.77 0.57 18.44
N GLU A 72 16.06 -0.19 19.50
CA GLU A 72 16.40 0.38 20.80
C GLU A 72 17.46 -0.47 21.47
N MET A 73 18.47 0.19 22.03
CA MET A 73 19.52 -0.50 22.77
C MET A 73 19.46 0.08 24.18
N LYS A 74 19.56 -0.80 25.18
CA LYS A 74 19.47 -0.36 26.55
C LYS A 74 20.52 -1.03 27.43
N ASP A 75 21.15 -0.23 28.30
CA ASP A 75 22.18 -0.73 29.22
C ASP A 75 21.58 -1.60 30.32
N ILE A 76 22.33 -2.60 30.74
CA ILE A 76 21.91 -3.48 31.84
C ILE A 76 23.02 -3.31 32.86
N LYS A 77 22.70 -3.59 34.12
CA LYS A 77 23.65 -3.44 35.21
C LYS A 77 24.89 -4.33 35.13
N ASP A 78 26.03 -3.74 35.47
CA ASP A 78 27.32 -4.43 35.54
C ASP A 78 27.97 -4.85 34.23
N TYR A 79 27.22 -4.94 33.15
CA TYR A 79 27.81 -5.34 31.87
C TYR A 79 28.09 -4.16 30.96
N ASP A 80 29.12 -4.29 30.14
CA ASP A 80 29.48 -3.25 29.18
C ASP A 80 28.43 -3.30 28.09
N PRO A 81 27.91 -2.14 27.68
CA PRO A 81 26.90 -2.15 26.61
C PRO A 81 27.63 -2.49 25.31
N ALA A 82 27.41 -3.70 24.82
CA ALA A 82 28.03 -4.21 23.61
C ALA A 82 27.13 -5.36 23.12
N ASP A 83 27.26 -5.78 21.85
CA ASP A 83 28.20 -5.21 20.90
C ASP A 83 27.57 -4.41 19.76
N GLY A 84 26.27 -4.52 19.59
CA GLY A 84 25.63 -3.78 18.52
C GLY A 84 24.69 -4.58 17.64
N ILE A 85 24.04 -3.89 16.72
CA ILE A 85 23.08 -4.49 15.80
C ILE A 85 23.60 -4.31 14.38
N ILE A 86 23.18 -5.19 13.47
CA ILE A 86 23.58 -5.09 12.07
C ILE A 86 22.45 -5.50 11.12
N PHE A 87 22.14 -4.63 10.17
CA PHE A 87 21.13 -4.92 9.17
C PHE A 87 21.96 -5.55 8.04
N PHE A 88 21.64 -6.78 7.65
CA PHE A 88 22.42 -7.46 6.62
C PHE A 88 21.63 -8.12 5.51
N ILE A 89 22.35 -8.48 4.47
CA ILE A 89 21.81 -9.14 3.29
C ILE A 89 22.82 -10.27 3.04
N ALA A 90 22.31 -11.51 2.98
CA ALA A 90 23.18 -12.66 2.77
C ALA A 90 22.47 -13.70 1.90
N PRO A 91 23.22 -14.73 1.44
CA PRO A 91 22.67 -15.81 0.60
C PRO A 91 21.48 -16.48 1.29
N GLU A 92 20.57 -17.08 0.54
CA GLU A 92 19.39 -17.70 1.17
C GLU A 92 19.67 -18.79 2.20
N ASP A 93 20.86 -19.38 2.13
CA ASP A 93 21.26 -20.45 3.04
C ASP A 93 21.99 -19.97 4.30
N THR A 94 21.99 -18.66 4.52
CA THR A 94 22.69 -18.06 5.65
C THR A 94 22.29 -18.56 7.05
N GLN A 95 23.31 -18.95 7.82
CA GLN A 95 23.14 -19.45 9.18
C GLN A 95 24.21 -18.79 10.08
N ILE A 96 23.96 -18.76 11.38
CA ILE A 96 24.92 -18.18 12.33
C ILE A 96 26.22 -18.97 12.18
N PRO A 97 27.36 -18.29 11.97
CA PRO A 97 28.65 -18.97 11.82
C PRO A 97 28.90 -20.04 12.90
N ALA A 98 29.45 -21.15 12.46
CA ALA A 98 29.76 -22.28 13.34
C ALA A 98 30.87 -21.89 14.32
N GLY A 99 30.61 -22.13 15.60
CA GLY A 99 31.58 -21.79 16.63
C GLY A 99 31.68 -20.29 16.82
N SER A 100 30.59 -19.58 16.52
CA SER A 100 30.51 -18.13 16.65
C SER A 100 30.90 -17.67 18.04
N ILE A 101 31.82 -16.72 18.12
CA ILE A 101 32.24 -16.20 19.42
C ILE A 101 31.38 -15.01 19.83
N GLY A 102 30.35 -14.72 19.04
CA GLY A 102 29.47 -13.60 19.32
C GLY A 102 30.36 -12.38 19.31
N GLY A 103 30.18 -11.50 20.30
CA GLY A 103 31.00 -10.31 20.42
C GLY A 103 31.09 -9.39 19.22
N GLY A 104 32.31 -8.96 18.92
CA GLY A 104 32.53 -8.06 17.80
C GLY A 104 32.29 -8.57 16.39
N THR A 105 31.84 -9.81 16.26
CA THR A 105 31.57 -10.37 14.93
C THR A 105 30.12 -10.11 14.54
N LEU A 106 29.37 -9.59 15.51
CA LEU A 106 27.97 -9.23 15.35
C LEU A 106 27.08 -10.40 14.88
N GLY A 107 27.60 -11.62 15.02
CA GLY A 107 26.84 -12.81 14.64
C GLY A 107 26.77 -13.09 13.16
N VAL A 108 27.64 -12.44 12.38
CA VAL A 108 27.64 -12.61 10.93
C VAL A 108 29.00 -13.01 10.35
N SER A 109 30.06 -12.91 11.12
CA SER A 109 31.37 -13.27 10.59
C SER A 109 32.08 -14.26 11.49
N ASP A 110 33.21 -14.78 11.00
CA ASP A 110 34.01 -15.71 11.78
C ASP A 110 34.91 -14.88 12.69
N THR A 111 35.89 -15.54 13.29
CA THR A 111 36.83 -14.90 14.20
C THR A 111 37.70 -13.82 13.53
N LYS A 112 38.09 -14.02 12.28
CA LYS A 112 38.90 -13.03 11.58
C LYS A 112 38.06 -11.84 11.16
N GLY A 113 36.74 -11.98 11.31
CA GLY A 113 35.83 -10.91 10.94
C GLY A 113 35.38 -10.97 9.49
N ALA A 114 35.64 -12.11 8.83
CA ALA A 114 35.25 -12.32 7.43
C ALA A 114 33.96 -13.11 7.36
N GLY A 115 33.24 -12.96 6.25
CA GLY A 115 31.98 -13.67 6.08
C GLY A 115 31.39 -13.34 4.73
N HIS A 116 30.20 -13.86 4.44
CA HIS A 116 29.56 -13.57 3.15
C HIS A 116 28.27 -12.81 3.37
N PHE A 117 28.38 -11.48 3.34
CA PHE A 117 27.24 -10.61 3.58
C PHE A 117 27.55 -9.15 3.24
N VAL A 118 26.48 -8.36 3.19
CA VAL A 118 26.58 -6.93 2.96
C VAL A 118 25.65 -6.40 4.05
N GLY A 119 26.08 -5.36 4.76
CA GLY A 119 25.25 -4.80 5.82
C GLY A 119 25.65 -3.45 6.36
N VAL A 120 24.77 -2.88 7.18
CA VAL A 120 24.98 -1.58 7.81
C VAL A 120 25.00 -1.87 9.30
N GLU A 121 26.10 -1.52 9.98
CA GLU A 121 26.24 -1.79 11.42
C GLU A 121 26.14 -0.58 12.34
N PHE A 122 25.57 -0.79 13.53
CA PHE A 122 25.41 0.24 14.55
C PHE A 122 26.21 -0.36 15.70
N ASP A 123 27.52 -0.18 15.59
CA ASP A 123 28.50 -0.73 16.51
C ASP A 123 28.71 0.10 17.77
N THR A 124 28.48 -0.52 18.92
CA THR A 124 28.65 0.18 20.20
C THR A 124 29.91 -0.25 20.97
N TYR A 125 30.88 -0.86 20.29
CA TYR A 125 32.13 -1.26 20.93
C TYR A 125 33.31 -1.31 19.96
N SER A 126 34.38 -0.63 20.33
CA SER A 126 35.58 -0.56 19.51
C SER A 126 36.45 -1.80 19.58
N ASN A 127 36.31 -2.69 18.60
CA ASN A 127 37.12 -3.90 18.54
C ASN A 127 38.34 -3.62 17.69
N SER A 128 39.49 -3.45 18.34
CA SER A 128 40.75 -3.17 17.65
C SER A 128 41.20 -4.23 16.64
N GLU A 129 40.80 -5.48 16.86
CA GLU A 129 41.17 -6.55 15.94
C GLU A 129 40.45 -6.42 14.59
N TYR A 130 39.36 -5.68 14.54
CA TYR A 130 38.60 -5.48 13.30
C TYR A 130 38.76 -4.04 12.83
N ASN A 131 39.74 -3.36 13.41
CA ASN A 131 40.06 -1.97 13.09
C ASN A 131 38.91 -0.97 13.30
N ASP A 132 38.20 -1.16 14.40
CA ASP A 132 37.08 -0.30 14.75
C ASP A 132 37.54 1.10 15.14
N PRO A 133 36.69 2.09 14.87
CA PRO A 133 37.00 3.49 15.22
C PRO A 133 36.88 3.55 16.76
N PRO A 134 37.51 4.56 17.38
CA PRO A 134 37.47 4.72 18.84
C PRO A 134 36.15 5.17 19.50
N THR A 135 35.09 5.36 18.70
CA THR A 135 33.79 5.79 19.24
C THR A 135 32.71 4.93 18.65
N ASP A 136 31.47 5.12 19.12
CA ASP A 136 30.33 4.40 18.57
C ASP A 136 30.31 4.82 17.11
N HIS A 137 29.75 4.00 16.23
CA HIS A 137 29.74 4.36 14.83
C HIS A 137 28.80 3.55 13.97
N VAL A 138 28.54 4.08 12.80
CA VAL A 138 27.71 3.43 11.83
C VAL A 138 28.71 3.06 10.72
N GLY A 139 28.57 1.89 10.11
CA GLY A 139 29.50 1.50 9.06
C GLY A 139 28.88 0.65 7.96
N ILE A 140 29.51 0.66 6.79
CA ILE A 140 29.05 -0.13 5.66
C ILE A 140 30.02 -1.30 5.61
N ASP A 141 29.48 -2.52 5.72
CA ASP A 141 30.27 -3.75 5.71
C ASP A 141 30.05 -4.59 4.45
N VAL A 142 31.13 -4.93 3.77
CA VAL A 142 31.06 -5.75 2.58
C VAL A 142 31.91 -6.98 2.88
N ASN A 143 31.25 -8.09 3.21
CA ASN A 143 31.91 -9.36 3.50
C ASN A 143 32.94 -9.28 4.65
N SER A 144 32.75 -8.35 5.58
CA SER A 144 33.66 -8.22 6.71
C SER A 144 33.21 -7.17 7.72
N VAL A 145 33.55 -7.37 9.00
CA VAL A 145 33.18 -6.40 10.03
C VAL A 145 34.28 -5.34 10.14
N ASP A 146 35.27 -5.44 9.28
CA ASP A 146 36.31 -4.42 9.23
C ASP A 146 35.67 -3.54 8.15
N SER A 147 34.85 -2.60 8.61
CA SER A 147 34.10 -1.70 7.76
C SER A 147 34.84 -1.00 6.63
N VAL A 148 34.20 -1.00 5.46
CA VAL A 148 34.70 -0.34 4.26
C VAL A 148 34.71 1.16 4.52
N LYS A 149 33.68 1.64 5.21
CA LYS A 149 33.53 3.05 5.53
C LYS A 149 32.72 3.19 6.83
N THR A 150 33.09 4.16 7.68
CA THR A 150 32.38 4.42 8.93
C THR A 150 32.19 5.91 9.21
N VAL A 151 31.26 6.23 10.10
CA VAL A 151 30.97 7.60 10.48
C VAL A 151 30.65 7.62 11.99
N PRO A 152 31.22 8.58 12.75
CA PRO A 152 30.98 8.67 14.19
C PRO A 152 29.49 8.75 14.50
N TRP A 153 29.08 8.13 15.59
CA TRP A 153 27.70 8.09 16.00
C TRP A 153 27.69 8.04 17.52
N ASN A 154 26.50 8.04 18.12
CA ASN A 154 26.37 7.98 19.57
C ASN A 154 25.13 7.19 19.96
N SER A 155 25.35 6.10 20.69
CA SER A 155 24.25 5.25 21.10
C SER A 155 23.73 5.66 22.47
N VAL A 156 22.46 6.04 22.52
CA VAL A 156 21.82 6.48 23.74
C VAL A 156 20.92 5.39 24.30
N SER A 157 21.25 4.96 25.49
CA SER A 157 20.52 3.92 26.19
C SER A 157 19.04 4.25 26.37
N GLY A 158 18.18 3.34 25.93
CA GLY A 158 16.74 3.52 26.05
C GLY A 158 16.13 4.44 25.02
N ALA A 159 16.91 4.82 24.02
CA ALA A 159 16.42 5.72 22.98
C ALA A 159 15.94 5.00 21.74
N VAL A 160 14.77 5.39 21.24
CA VAL A 160 14.24 4.79 20.01
C VAL A 160 14.94 5.48 18.83
N VAL A 161 15.64 4.69 18.03
CA VAL A 161 16.37 5.19 16.87
C VAL A 161 15.64 4.78 15.59
N LYS A 162 15.60 5.69 14.61
CA LYS A 162 14.94 5.41 13.34
C LYS A 162 15.96 5.47 12.22
N VAL A 163 15.85 4.54 11.29
CA VAL A 163 16.79 4.46 10.18
C VAL A 163 16.06 4.27 8.85
N THR A 164 16.55 4.93 7.81
CA THR A 164 15.98 4.80 6.47
C THR A 164 17.14 4.50 5.52
N VAL A 165 16.96 3.50 4.68
CA VAL A 165 17.98 3.07 3.74
C VAL A 165 17.44 3.02 2.33
N ILE A 166 18.22 3.52 1.37
CA ILE A 166 17.84 3.55 -0.03
C ILE A 166 19.00 3.00 -0.87
N TYR A 167 18.70 2.06 -1.75
CA TYR A 167 19.69 1.50 -2.64
C TYR A 167 19.25 1.77 -4.07
N ASP A 168 20.05 2.53 -4.81
CA ASP A 168 19.75 2.86 -6.18
C ASP A 168 20.55 1.94 -7.11
N SER A 169 19.82 1.07 -7.81
CA SER A 169 20.44 0.11 -8.74
C SER A 169 21.36 0.73 -9.77
N SER A 170 20.92 1.82 -10.40
CA SER A 170 21.68 2.51 -11.44
C SER A 170 23.10 2.90 -11.02
N THR A 171 23.20 3.64 -9.92
CA THR A 171 24.49 4.09 -9.42
C THR A 171 25.10 3.06 -8.47
N LYS A 172 24.27 2.13 -8.00
CA LYS A 172 24.68 1.10 -7.07
C LYS A 172 25.13 1.79 -5.78
N THR A 173 24.38 2.83 -5.40
CA THR A 173 24.67 3.59 -4.18
C THR A 173 23.75 3.19 -3.06
N LEU A 174 24.33 2.95 -1.90
CA LEU A 174 23.60 2.59 -0.71
C LEU A 174 23.78 3.74 0.26
N SER A 175 22.68 4.40 0.60
CA SER A 175 22.71 5.52 1.53
C SER A 175 21.82 5.28 2.73
N VAL A 176 22.32 5.66 3.89
CA VAL A 176 21.64 5.49 5.17
C VAL A 176 21.43 6.83 5.90
N ALA A 177 20.23 7.02 6.44
CA ALA A 177 19.91 8.22 7.21
C ALA A 177 19.45 7.73 8.58
N VAL A 178 20.18 8.14 9.62
CA VAL A 178 19.87 7.74 10.99
C VAL A 178 19.34 8.94 11.77
N THR A 179 18.12 8.82 12.26
CA THR A 179 17.52 9.88 13.03
C THR A 179 17.64 9.61 14.51
N ASN A 180 18.47 10.38 15.19
CA ASN A 180 18.69 10.22 16.62
C ASN A 180 17.51 10.69 17.47
N ASP A 181 17.56 10.38 18.75
CA ASP A 181 16.51 10.74 19.69
C ASP A 181 16.32 12.27 19.76
N ASN A 182 17.43 12.99 19.85
CA ASN A 182 17.41 14.45 19.93
C ASN A 182 17.09 15.21 18.63
N GLY A 183 16.76 14.50 17.57
CA GLY A 183 16.41 15.15 16.33
C GLY A 183 17.50 15.17 15.26
N ASP A 184 18.76 15.16 15.68
CA ASP A 184 19.88 15.18 14.74
C ASP A 184 19.88 13.95 13.83
N ILE A 185 20.41 14.10 12.63
CA ILE A 185 20.48 12.97 11.69
C ILE A 185 21.93 12.71 11.32
N THR A 186 22.25 11.45 11.07
CA THR A 186 23.60 11.05 10.68
C THR A 186 23.44 10.27 9.38
N THR A 187 24.29 10.55 8.40
CA THR A 187 24.18 9.83 7.14
C THR A 187 25.53 9.23 6.72
N ILE A 188 25.45 8.23 5.85
CA ILE A 188 26.63 7.58 5.31
C ILE A 188 26.17 6.90 4.04
N ALA A 189 26.98 6.96 3.00
CA ALA A 189 26.64 6.36 1.71
C ALA A 189 27.89 5.70 1.14
N GLN A 190 27.70 4.65 0.35
CA GLN A 190 28.82 3.93 -0.24
C GLN A 190 28.33 3.18 -1.45
N VAL A 191 29.18 3.09 -2.48
CA VAL A 191 28.84 2.36 -3.69
C VAL A 191 29.19 0.90 -3.48
N VAL A 192 28.17 0.05 -3.61
CA VAL A 192 28.29 -1.39 -3.42
C VAL A 192 27.59 -2.11 -4.55
N ASP A 193 28.34 -2.87 -5.35
CA ASP A 193 27.73 -3.62 -6.45
C ASP A 193 27.20 -4.96 -5.91
N LEU A 194 25.93 -4.99 -5.54
CA LEU A 194 25.28 -6.19 -5.02
C LEU A 194 25.37 -7.41 -5.96
N LYS A 195 25.37 -7.14 -7.26
CA LYS A 195 25.43 -8.20 -8.26
C LYS A 195 26.77 -8.92 -8.29
N ALA A 196 27.81 -8.27 -7.77
CA ALA A 196 29.14 -8.86 -7.77
C ALA A 196 29.54 -9.43 -6.43
N LYS A 197 28.78 -9.13 -5.39
CA LYS A 197 29.10 -9.61 -4.06
C LYS A 197 28.14 -10.68 -3.53
N LEU A 198 26.92 -10.69 -4.05
CA LEU A 198 25.91 -11.63 -3.60
C LEU A 198 25.25 -12.37 -4.77
N PRO A 199 24.53 -13.47 -4.45
CA PRO A 199 23.85 -14.23 -5.50
C PRO A 199 22.47 -13.66 -5.80
N GLU A 200 21.87 -14.15 -6.88
CA GLU A 200 20.55 -13.72 -7.31
C GLU A 200 19.49 -13.69 -6.22
N ARG A 201 19.46 -14.73 -5.40
CA ARG A 201 18.50 -14.82 -4.32
C ARG A 201 19.17 -14.60 -2.98
N VAL A 202 18.59 -13.73 -2.17
CA VAL A 202 19.14 -13.42 -0.85
C VAL A 202 18.06 -13.26 0.22
N LYS A 203 18.50 -13.11 1.46
CA LYS A 203 17.59 -12.90 2.57
C LYS A 203 18.04 -11.67 3.36
N PHE A 204 17.06 -10.91 3.85
CA PHE A 204 17.29 -9.70 4.62
C PHE A 204 16.95 -9.96 6.07
N GLY A 205 17.71 -9.35 6.98
CA GLY A 205 17.45 -9.52 8.40
C GLY A 205 18.37 -8.70 9.27
N PHE A 206 18.24 -8.84 10.60
CA PHE A 206 19.07 -8.13 11.58
C PHE A 206 19.77 -9.18 12.45
N SER A 207 20.89 -8.80 13.04
CA SER A 207 21.66 -9.71 13.88
C SER A 207 22.26 -8.89 15.02
N ALA A 208 22.39 -9.50 16.20
CA ALA A 208 22.98 -8.85 17.36
C ALA A 208 23.80 -9.88 18.16
N SER A 209 24.74 -9.40 18.97
CA SER A 209 25.59 -10.30 19.74
C SER A 209 26.16 -9.66 20.98
N GLY A 210 26.70 -10.49 21.86
CA GLY A 210 27.31 -10.04 23.08
C GLY A 210 28.48 -10.96 23.37
N SER A 211 29.14 -10.78 24.50
CA SER A 211 30.27 -11.61 24.87
C SER A 211 30.08 -12.05 26.33
N LEU A 212 31.18 -12.27 27.04
CA LEU A 212 31.08 -12.69 28.43
C LEU A 212 30.73 -11.47 29.27
N GLY A 213 31.56 -10.43 29.14
CA GLY A 213 31.38 -9.20 29.88
C GLY A 213 30.58 -8.11 29.17
N GLY A 214 30.44 -8.21 27.85
CA GLY A 214 29.68 -7.23 27.12
C GLY A 214 28.28 -7.73 26.80
N ARG A 215 27.27 -7.08 27.36
CA ARG A 215 25.87 -7.44 27.14
C ARG A 215 24.99 -6.21 27.30
N GLN A 216 23.89 -6.17 26.56
CA GLN A 216 22.93 -5.07 26.61
C GLN A 216 21.68 -5.54 25.87
N ILE A 217 20.59 -4.80 26.01
CA ILE A 217 19.34 -5.14 25.32
C ILE A 217 19.36 -4.64 23.88
N HIS A 218 18.99 -5.52 22.94
CA HIS A 218 18.95 -5.19 21.51
C HIS A 218 17.52 -5.44 21.06
N LEU A 219 16.77 -4.38 20.79
CA LEU A 219 15.37 -4.51 20.37
C LEU A 219 15.07 -4.04 18.95
N ILE A 220 14.24 -4.78 18.24
CA ILE A 220 13.81 -4.39 16.91
C ILE A 220 12.33 -4.12 17.12
N ARG A 221 11.90 -2.90 16.82
CA ARG A 221 10.50 -2.51 17.06
C ARG A 221 9.58 -2.55 15.86
N SER A 222 10.08 -2.21 14.69
CA SER A 222 9.25 -2.25 13.49
C SER A 222 10.14 -2.37 12.25
N TRP A 223 9.53 -2.65 11.09
CA TRP A 223 10.30 -2.80 9.88
C TRP A 223 9.41 -2.85 8.66
N SER A 224 9.67 -1.99 7.68
CA SER A 224 8.92 -2.00 6.43
C SER A 224 9.94 -2.12 5.31
N PHE A 225 9.56 -2.74 4.21
CA PHE A 225 10.51 -2.97 3.13
C PHE A 225 9.75 -3.07 1.82
N THR A 226 10.39 -2.61 0.75
CA THR A 226 9.84 -2.65 -0.59
C THR A 226 11.04 -2.68 -1.52
N SER A 227 10.97 -3.53 -2.53
CA SER A 227 12.03 -3.67 -3.53
C SER A 227 11.32 -3.83 -4.87
N THR A 228 11.94 -3.29 -5.92
CA THR A 228 11.38 -3.42 -7.25
C THR A 228 12.48 -3.73 -8.24
N LEU A 229 12.29 -4.81 -8.98
CA LEU A 229 13.24 -5.23 -10.00
C LEU A 229 12.54 -5.06 -11.34
N ILE A 230 13.19 -4.41 -12.28
CA ILE A 230 12.61 -4.22 -13.60
C ILE A 230 12.87 -5.52 -14.34
N THR A 231 11.77 -6.18 -14.70
CA THR A 231 11.84 -7.45 -15.42
C THR A 231 11.63 -7.24 -16.91
N THR A 232 12.58 -6.58 -17.56
CA THR A 232 12.51 -6.30 -18.99
C THR A 232 13.76 -5.54 -19.48
N ALA B 1 -1.89 -6.76 14.75
CA ALA B 1 -2.56 -7.61 13.72
C ALA B 1 -1.48 -8.19 12.81
N GLU B 2 -1.78 -9.34 12.21
CA GLU B 2 -0.87 -10.05 11.33
C GLU B 2 -1.41 -9.96 9.91
N THR B 3 -0.71 -9.20 9.07
CA THR B 3 -1.14 -8.98 7.69
C THR B 3 -0.18 -9.46 6.60
N VAL B 4 -0.76 -10.11 5.60
CA VAL B 4 -0.02 -10.63 4.45
C VAL B 4 -0.66 -9.99 3.21
N SER B 5 0.14 -9.32 2.39
CA SER B 5 -0.37 -8.70 1.17
C SER B 5 0.65 -8.69 0.04
N PHE B 6 0.16 -8.92 -1.17
CA PHE B 6 1.02 -8.92 -2.35
C PHE B 6 0.19 -8.49 -3.54
N ASN B 7 0.85 -8.05 -4.60
CA ASN B 7 0.17 -7.59 -5.80
C ASN B 7 0.95 -7.98 -7.04
N PHE B 8 0.29 -8.67 -7.96
CA PHE B 8 0.93 -9.12 -9.19
C PHE B 8 0.25 -8.55 -10.42
N ASN B 9 0.97 -7.67 -11.11
CA ASN B 9 0.47 -7.05 -12.34
C ASN B 9 0.88 -7.91 -13.54
N SER B 10 2.01 -8.61 -13.36
CA SER B 10 2.55 -9.49 -14.36
C SER B 10 3.37 -10.53 -13.60
N PHE B 11 3.42 -11.74 -14.14
CA PHE B 11 4.16 -12.82 -13.52
C PHE B 11 5.43 -13.09 -14.31
N SER B 12 6.43 -13.66 -13.64
CA SER B 12 7.69 -13.99 -14.31
C SER B 12 8.23 -15.29 -13.74
N GLU B 13 8.80 -16.12 -14.61
CA GLU B 13 9.36 -17.37 -14.15
C GLU B 13 10.68 -17.05 -13.48
N GLY B 14 10.88 -17.58 -12.29
CA GLY B 14 12.11 -17.30 -11.56
C GLY B 14 11.84 -16.51 -10.29
N ASN B 15 10.61 -16.03 -10.13
CA ASN B 15 10.23 -15.26 -8.95
C ASN B 15 9.99 -16.24 -7.79
N PRO B 16 10.84 -16.18 -6.76
CA PRO B 16 10.74 -17.07 -5.59
C PRO B 16 9.40 -17.00 -4.83
N ALA B 17 8.60 -15.99 -5.13
CA ALA B 17 7.30 -15.82 -4.48
C ALA B 17 6.19 -16.68 -5.08
N ILE B 18 6.46 -17.29 -6.22
CA ILE B 18 5.47 -18.13 -6.89
C ILE B 18 5.92 -19.57 -7.02
N ASN B 19 4.99 -20.50 -6.85
CA ASN B 19 5.22 -21.93 -6.98
C ASN B 19 4.43 -22.41 -8.19
N PHE B 20 5.12 -23.04 -9.14
CA PHE B 20 4.47 -23.57 -10.35
C PHE B 20 4.42 -25.10 -10.20
N GLN B 21 3.28 -25.69 -10.52
CA GLN B 21 3.12 -27.13 -10.44
C GLN B 21 2.44 -27.58 -11.72
N GLY B 22 3.00 -28.57 -12.41
CA GLY B 22 2.36 -29.04 -13.61
C GLY B 22 2.72 -28.34 -14.89
N ASP B 23 1.76 -28.31 -15.82
CA ASP B 23 1.92 -27.70 -17.13
C ASP B 23 1.87 -26.15 -17.19
N VAL B 24 2.11 -25.50 -16.06
CA VAL B 24 2.09 -24.04 -15.99
C VAL B 24 3.20 -23.43 -16.85
N THR B 25 2.90 -22.32 -17.50
CA THR B 25 3.88 -21.65 -18.35
C THR B 25 3.67 -20.12 -18.27
N VAL B 26 4.76 -19.37 -18.25
CA VAL B 26 4.70 -17.91 -18.18
C VAL B 26 4.98 -17.32 -19.56
N LEU B 27 3.96 -16.71 -20.17
CA LEU B 27 4.08 -16.11 -21.50
C LEU B 27 4.95 -14.86 -21.49
N SER B 28 5.36 -14.43 -22.67
CA SER B 28 6.21 -13.24 -22.81
C SER B 28 5.53 -11.96 -22.34
N ASN B 29 4.21 -11.96 -22.34
CA ASN B 29 3.44 -10.80 -21.93
C ASN B 29 3.20 -10.73 -20.41
N GLY B 30 3.79 -11.66 -19.66
CA GLY B 30 3.62 -11.65 -18.22
C GLY B 30 2.47 -12.48 -17.74
N ASN B 31 1.64 -12.97 -18.67
CA ASN B 31 0.51 -13.81 -18.30
C ASN B 31 0.94 -15.23 -17.96
N ILE B 32 0.11 -15.92 -17.20
CA ILE B 32 0.37 -17.30 -16.84
C ILE B 32 -0.66 -18.12 -17.62
N GLN B 33 -0.17 -19.15 -18.32
CA GLN B 33 -1.05 -20.05 -19.05
C GLN B 33 -1.01 -21.30 -18.21
N LEU B 34 -2.15 -21.72 -17.69
CA LEU B 34 -2.21 -22.87 -16.81
C LEU B 34 -2.07 -24.28 -17.42
N THR B 35 -2.64 -24.52 -18.59
CA THR B 35 -2.53 -25.85 -19.16
C THR B 35 -1.76 -25.86 -20.48
N ASN B 36 -1.38 -27.06 -20.90
CA ASN B 36 -0.64 -27.27 -22.15
C ASN B 36 -1.63 -27.78 -23.19
N LEU B 37 -1.81 -27.01 -24.25
CA LEU B 37 -2.73 -27.35 -25.32
C LEU B 37 -2.42 -28.62 -26.10
N ASN B 38 -1.22 -29.16 -25.92
CA ASN B 38 -0.82 -30.37 -26.64
C ASN B 38 -0.72 -31.64 -25.82
N LYS B 39 -1.22 -31.59 -24.58
CA LYS B 39 -1.18 -32.73 -23.68
C LYS B 39 -2.55 -33.24 -23.30
N VAL B 40 -2.65 -34.56 -23.14
CA VAL B 40 -3.88 -35.22 -22.74
C VAL B 40 -3.96 -35.08 -21.22
N ASN B 41 -5.17 -34.82 -20.72
CA ASN B 41 -5.41 -34.65 -19.29
C ASN B 41 -4.42 -33.69 -18.62
N SER B 42 -4.15 -32.58 -19.29
CA SER B 42 -3.21 -31.58 -18.81
C SER B 42 -3.70 -30.92 -17.51
N VAL B 43 -2.76 -30.56 -16.64
CA VAL B 43 -3.06 -29.90 -15.36
C VAL B 43 -1.94 -28.92 -14.99
N GLY B 44 -2.33 -27.71 -14.63
CA GLY B 44 -1.36 -26.70 -14.24
C GLY B 44 -1.90 -25.94 -13.04
N ARG B 45 -1.02 -25.61 -12.09
CA ARG B 45 -1.39 -24.92 -10.86
C ARG B 45 -0.32 -23.92 -10.45
N VAL B 46 -0.75 -22.80 -9.91
CA VAL B 46 0.19 -21.77 -9.47
C VAL B 46 -0.22 -21.41 -8.05
N LEU B 47 0.76 -21.35 -7.15
CA LEU B 47 0.47 -21.05 -5.76
C LEU B 47 1.37 -19.94 -5.26
N TYR B 48 0.92 -19.24 -4.22
CA TYR B 48 1.73 -18.21 -3.64
C TYR B 48 2.68 -19.01 -2.76
N ALA B 49 3.96 -18.90 -3.03
CA ALA B 49 5.01 -19.64 -2.29
C ALA B 49 4.93 -19.65 -0.77
N MET B 50 4.65 -18.51 -0.16
CA MET B 50 4.59 -18.42 1.30
C MET B 50 3.27 -18.89 1.88
N PRO B 51 3.32 -19.78 2.89
CA PRO B 51 2.09 -20.27 3.51
C PRO B 51 1.52 -19.18 4.43
N VAL B 52 0.21 -18.97 4.32
CA VAL B 52 -0.49 -17.97 5.09
C VAL B 52 -1.18 -18.65 6.25
N ARG B 53 -1.10 -18.03 7.41
CA ARG B 53 -1.72 -18.55 8.62
C ARG B 53 -3.13 -17.98 8.74
N ILE B 54 -4.15 -18.77 8.36
CA ILE B 54 -5.53 -18.31 8.42
C ILE B 54 -6.23 -18.40 9.76
N TRP B 55 -5.67 -19.14 10.70
CA TRP B 55 -6.28 -19.23 12.03
C TRP B 55 -5.27 -19.66 13.08
N SER B 56 -5.55 -19.32 14.32
CA SER B 56 -4.65 -19.63 15.42
C SER B 56 -5.31 -20.51 16.47
N SER B 57 -4.65 -21.61 16.82
CA SER B 57 -5.15 -22.53 17.82
C SER B 57 -5.00 -21.92 19.21
N ALA B 58 -4.09 -20.96 19.33
CA ALA B 58 -3.84 -20.26 20.59
C ALA B 58 -5.00 -19.35 20.97
N THR B 59 -5.37 -18.45 20.06
CA THR B 59 -6.46 -17.50 20.30
C THR B 59 -7.80 -18.07 19.86
N GLY B 60 -7.83 -18.69 18.70
CA GLY B 60 -9.06 -19.26 18.16
C GLY B 60 -9.61 -18.39 17.05
N ASN B 61 -8.87 -17.33 16.72
CA ASN B 61 -9.27 -16.39 15.68
C ASN B 61 -9.05 -16.92 14.29
N VAL B 62 -9.90 -16.48 13.37
CA VAL B 62 -9.83 -16.82 11.94
C VAL B 62 -9.59 -15.47 11.23
N ALA B 63 -8.79 -15.49 10.18
CA ALA B 63 -8.48 -14.26 9.46
C ALA B 63 -9.53 -13.87 8.44
N SER B 64 -9.48 -12.61 8.02
CA SER B 64 -10.40 -12.13 7.01
C SER B 64 -9.50 -11.81 5.85
N PHE B 65 -10.03 -11.92 4.64
CA PHE B 65 -9.24 -11.59 3.47
C PHE B 65 -10.06 -10.97 2.34
N LEU B 66 -9.35 -10.19 1.53
CA LEU B 66 -9.92 -9.52 0.37
C LEU B 66 -8.95 -9.84 -0.75
N THR B 67 -9.46 -10.43 -1.82
CA THR B 67 -8.61 -10.77 -2.97
C THR B 67 -9.35 -10.52 -4.27
N SER B 68 -8.61 -10.11 -5.29
CA SER B 68 -9.16 -9.85 -6.62
C SER B 68 -8.16 -10.27 -7.70
N PHE B 69 -8.68 -10.85 -8.77
CA PHE B 69 -7.85 -11.32 -9.87
C PHE B 69 -8.65 -11.27 -11.19
N SER B 70 -7.94 -11.31 -12.31
CA SER B 70 -8.58 -11.27 -13.61
C SER B 70 -8.04 -12.44 -14.44
N PHE B 71 -8.91 -13.09 -15.18
CA PHE B 71 -8.48 -14.22 -16.00
C PHE B 71 -9.11 -14.14 -17.36
N GLU B 72 -8.70 -15.03 -18.25
CA GLU B 72 -9.23 -15.09 -19.60
C GLU B 72 -9.22 -16.53 -20.06
N MET B 73 -10.30 -16.95 -20.71
CA MET B 73 -10.39 -18.29 -21.27
C MET B 73 -10.64 -18.08 -22.75
N LYS B 74 -9.99 -18.87 -23.59
CA LYS B 74 -10.17 -18.70 -25.02
C LYS B 74 -10.25 -20.03 -25.75
N ASP B 75 -11.19 -20.13 -26.66
CA ASP B 75 -11.41 -21.34 -27.44
C ASP B 75 -10.27 -21.59 -28.42
N ILE B 76 -9.95 -22.87 -28.63
CA ILE B 76 -8.95 -23.28 -29.60
C ILE B 76 -9.71 -24.16 -30.58
N LYS B 77 -9.16 -24.32 -31.78
CA LYS B 77 -9.79 -25.09 -32.84
C LYS B 77 -9.93 -26.58 -32.59
N ASP B 78 -11.08 -27.13 -32.94
CA ASP B 78 -11.37 -28.56 -32.82
C ASP B 78 -11.62 -29.16 -31.44
N TYR B 79 -11.20 -28.48 -30.39
CA TYR B 79 -11.40 -28.99 -29.05
C TYR B 79 -12.56 -28.31 -28.32
N ASP B 80 -13.20 -29.04 -27.42
CA ASP B 80 -14.28 -28.49 -26.61
C ASP B 80 -13.63 -27.57 -25.59
N PRO B 81 -14.20 -26.38 -25.37
CA PRO B 81 -13.63 -25.46 -24.38
C PRO B 81 -13.96 -26.04 -23.02
N ALA B 82 -12.94 -26.59 -22.37
CA ALA B 82 -13.07 -27.23 -21.07
C ALA B 82 -11.67 -27.24 -20.44
N ASP B 83 -11.58 -27.43 -19.12
CA ASP B 83 -12.73 -27.60 -18.24
C ASP B 83 -13.03 -26.43 -17.30
N GLY B 84 -12.09 -25.50 -17.20
CA GLY B 84 -12.32 -24.36 -16.31
C GLY B 84 -11.17 -24.06 -15.39
N ILE B 85 -11.36 -23.03 -14.56
CA ILE B 85 -10.35 -22.54 -13.60
C ILE B 85 -10.92 -22.62 -12.19
N ILE B 86 -10.06 -22.75 -11.19
CA ILE B 86 -10.51 -22.79 -9.80
C ILE B 86 -9.53 -22.08 -8.85
N PHE B 87 -10.07 -21.16 -8.05
CA PHE B 87 -9.30 -20.43 -7.05
C PHE B 87 -9.48 -21.29 -5.81
N PHE B 88 -8.38 -21.76 -5.24
CA PHE B 88 -8.47 -22.64 -4.08
C PHE B 88 -7.52 -22.33 -2.93
N ILE B 89 -7.85 -22.92 -1.80
CA ILE B 89 -7.09 -22.79 -0.55
C ILE B 89 -6.91 -24.25 -0.11
N ALA B 90 -5.65 -24.64 0.15
CA ALA B 90 -5.36 -26.01 0.57
C ALA B 90 -4.18 -26.03 1.55
N PRO B 91 -3.95 -27.17 2.25
CA PRO B 91 -2.84 -27.31 3.21
C PRO B 91 -1.49 -26.97 2.58
N GLU B 92 -0.50 -26.58 3.37
CA GLU B 92 0.78 -26.22 2.77
C GLU B 92 1.50 -27.28 1.97
N ASP B 93 1.14 -28.54 2.19
CA ASP B 93 1.76 -29.66 1.47
C ASP B 93 1.04 -30.05 0.18
N THR B 94 0.10 -29.22 -0.28
CA THR B 94 -0.69 -29.53 -1.46
C THR B 94 0.06 -29.74 -2.79
N GLN B 95 -0.25 -30.86 -3.43
CA GLN B 95 0.35 -31.26 -4.71
C GLN B 95 -0.78 -31.74 -5.64
N ILE B 96 -0.52 -31.74 -6.95
CA ILE B 96 -1.52 -32.20 -7.91
C ILE B 96 -1.79 -33.66 -7.59
N PRO B 97 -3.08 -34.06 -7.44
CA PRO B 97 -3.42 -35.45 -7.12
C PRO B 97 -2.68 -36.49 -7.98
N ALA B 98 -2.23 -37.56 -7.35
CA ALA B 98 -1.51 -38.64 -8.02
C ALA B 98 -2.45 -39.37 -8.98
N GLY B 99 -2.00 -39.52 -10.23
CA GLY B 99 -2.83 -40.15 -11.23
C GLY B 99 -4.02 -39.26 -11.61
N SER B 100 -3.83 -37.95 -11.55
CA SER B 100 -4.87 -36.99 -11.89
C SER B 100 -5.35 -37.17 -13.33
N ILE B 101 -6.66 -37.27 -13.51
CA ILE B 101 -7.22 -37.45 -14.84
C ILE B 101 -7.51 -36.09 -15.47
N GLY B 102 -7.14 -35.02 -14.77
CA GLY B 102 -7.39 -33.69 -15.27
C GLY B 102 -8.89 -33.54 -15.41
N GLY B 103 -9.34 -33.07 -16.57
CA GLY B 103 -10.76 -32.92 -16.82
C GLY B 103 -11.59 -32.25 -15.75
N GLY B 104 -12.75 -32.84 -15.48
CA GLY B 104 -13.67 -32.32 -14.50
C GLY B 104 -13.25 -32.25 -13.05
N THR B 105 -12.03 -32.68 -12.73
CA THR B 105 -11.55 -32.63 -11.34
C THR B 105 -10.83 -31.29 -11.08
N LEU B 106 -10.65 -30.52 -12.15
CA LEU B 106 -10.02 -29.19 -12.12
C LEU B 106 -8.60 -29.20 -11.53
N GLY B 107 -8.01 -30.38 -11.45
CA GLY B 107 -6.67 -30.53 -10.92
C GLY B 107 -6.55 -30.45 -9.41
N VAL B 108 -7.67 -30.55 -8.70
CA VAL B 108 -7.67 -30.48 -7.23
C VAL B 108 -8.30 -31.65 -6.51
N SER B 109 -8.96 -32.54 -7.24
CA SER B 109 -9.60 -33.69 -6.62
C SER B 109 -9.24 -35.01 -7.29
N ASP B 110 -9.60 -36.12 -6.66
CA ASP B 110 -9.36 -37.43 -7.23
C ASP B 110 -10.50 -37.72 -8.22
N THR B 111 -10.58 -38.97 -8.67
CA THR B 111 -11.60 -39.38 -9.63
C THR B 111 -13.06 -39.24 -9.14
N LYS B 112 -13.27 -39.47 -7.85
CA LYS B 112 -14.61 -39.35 -7.26
C LYS B 112 -14.99 -37.87 -7.11
N GLY B 113 -13.99 -36.99 -7.26
CA GLY B 113 -14.24 -35.57 -7.12
C GLY B 113 -14.04 -35.10 -5.69
N ALA B 114 -13.37 -35.91 -4.88
CA ALA B 114 -13.11 -35.57 -3.48
C ALA B 114 -11.69 -35.06 -3.37
N GLY B 115 -11.45 -34.24 -2.35
CA GLY B 115 -10.13 -33.68 -2.14
C GLY B 115 -10.10 -32.89 -0.86
N HIS B 116 -8.98 -32.25 -0.55
CA HIS B 116 -8.88 -31.45 0.66
C HIS B 116 -8.55 -30.03 0.22
N PHE B 117 -9.60 -29.24 0.08
CA PHE B 117 -9.45 -27.86 -0.36
C PHE B 117 -10.78 -27.15 -0.22
N VAL B 118 -10.73 -25.83 -0.34
CA VAL B 118 -11.92 -24.97 -0.33
C VAL B 118 -11.63 -24.04 -1.50
N GLY B 119 -12.61 -23.82 -2.37
CA GLY B 119 -12.39 -22.95 -3.51
C GLY B 119 -13.62 -22.46 -4.26
N VAL B 120 -13.39 -21.57 -5.22
CA VAL B 120 -14.43 -20.99 -6.07
C VAL B 120 -14.08 -21.41 -7.51
N GLU B 121 -14.99 -22.13 -8.15
CA GLU B 121 -14.75 -22.59 -9.53
C GLU B 121 -15.53 -21.85 -10.61
N PHE B 122 -14.92 -21.72 -11.77
CA PHE B 122 -15.50 -21.08 -12.97
C PHE B 122 -15.48 -22.24 -13.96
N ASP B 123 -16.52 -23.07 -13.83
CA ASP B 123 -16.71 -24.29 -14.59
C ASP B 123 -17.34 -24.10 -15.98
N THR B 124 -16.61 -24.51 -17.02
CA THR B 124 -17.10 -24.38 -18.38
C THR B 124 -17.52 -25.70 -19.02
N TYR B 125 -17.82 -26.70 -18.19
CA TYR B 125 -18.27 -28.00 -18.70
C TYR B 125 -19.07 -28.78 -17.66
N SER B 126 -20.24 -29.23 -18.08
CA SER B 126 -21.16 -29.98 -17.23
C SER B 126 -20.79 -31.47 -17.07
N ASN B 127 -20.11 -31.79 -15.96
CA ASN B 127 -19.74 -33.18 -15.67
C ASN B 127 -20.82 -33.80 -14.81
N SER B 128 -21.67 -34.62 -15.41
CA SER B 128 -22.76 -35.28 -14.68
C SER B 128 -22.29 -36.14 -13.50
N GLU B 129 -21.07 -36.68 -13.56
CA GLU B 129 -20.54 -37.49 -12.47
C GLU B 129 -20.27 -36.68 -11.19
N TYR B 130 -20.16 -35.37 -11.32
CA TYR B 130 -19.93 -34.50 -10.17
C TYR B 130 -21.16 -33.63 -9.90
N ASN B 131 -22.27 -34.02 -10.52
CA ASN B 131 -23.56 -33.32 -10.39
C ASN B 131 -23.53 -31.86 -10.82
N ASP B 132 -22.84 -31.60 -11.92
CA ASP B 132 -22.71 -30.27 -12.47
C ASP B 132 -24.04 -29.79 -13.05
N PRO B 133 -24.27 -28.48 -13.00
CA PRO B 133 -25.49 -27.87 -13.54
C PRO B 133 -25.33 -27.96 -15.06
N PRO B 134 -26.45 -27.89 -15.80
CA PRO B 134 -26.42 -27.97 -17.26
C PRO B 134 -25.82 -26.78 -18.04
N THR B 135 -25.37 -25.72 -17.35
CA THR B 135 -24.78 -24.55 -18.03
C THR B 135 -23.46 -24.20 -17.36
N ASP B 136 -22.76 -23.20 -17.92
CA ASP B 136 -21.51 -22.73 -17.31
C ASP B 136 -21.96 -22.24 -15.95
N HIS B 137 -21.04 -22.19 -15.00
CA HIS B 137 -21.45 -21.76 -13.67
C HIS B 137 -20.29 -21.44 -12.76
N VAL B 138 -20.63 -20.78 -11.66
CA VAL B 138 -19.66 -20.42 -10.65
C VAL B 138 -20.15 -21.21 -9.46
N GLY B 139 -19.22 -21.81 -8.70
CA GLY B 139 -19.63 -22.60 -7.55
C GLY B 139 -18.69 -22.56 -6.37
N ILE B 140 -19.23 -22.81 -5.18
CA ILE B 140 -18.41 -22.83 -3.98
C ILE B 140 -18.14 -24.31 -3.73
N ASP B 141 -16.86 -24.67 -3.62
CA ASP B 141 -16.42 -26.04 -3.40
C ASP B 141 -15.77 -26.27 -2.04
N VAL B 142 -16.32 -27.17 -1.25
CA VAL B 142 -15.75 -27.50 0.04
C VAL B 142 -15.34 -28.99 0.02
N ASN B 143 -14.03 -29.24 -0.18
CA ASN B 143 -13.47 -30.59 -0.22
C ASN B 143 -14.05 -31.50 -1.31
N SER B 144 -14.62 -30.91 -2.37
CA SER B 144 -15.20 -31.69 -3.45
C SER B 144 -15.62 -30.80 -4.62
N VAL B 145 -15.57 -31.35 -5.83
CA VAL B 145 -15.96 -30.60 -7.02
C VAL B 145 -17.46 -30.74 -7.26
N ASP B 146 -18.13 -31.46 -6.36
CA ASP B 146 -19.57 -31.56 -6.44
C ASP B 146 -19.91 -30.34 -5.56
N SER B 147 -20.06 -29.20 -6.20
CA SER B 147 -20.30 -27.93 -5.52
C SER B 147 -21.41 -27.88 -4.47
N VAL B 148 -21.11 -27.22 -3.36
CA VAL B 148 -22.05 -27.02 -2.26
C VAL B 148 -23.18 -26.08 -2.76
N LYS B 149 -22.79 -25.12 -3.59
CA LYS B 149 -23.74 -24.15 -4.13
C LYS B 149 -23.18 -23.64 -5.45
N THR B 150 -24.07 -23.41 -6.41
CA THR B 150 -23.67 -22.87 -7.73
C THR B 150 -24.65 -21.80 -8.24
N VAL B 151 -24.20 -21.04 -9.24
CA VAL B 151 -25.01 -19.99 -9.84
C VAL B 151 -24.71 -19.95 -11.34
N PRO B 152 -25.74 -19.91 -12.20
CA PRO B 152 -25.54 -19.86 -13.66
C PRO B 152 -24.60 -18.72 -14.05
N TRP B 153 -23.79 -18.96 -15.07
CA TRP B 153 -22.83 -17.97 -15.52
C TRP B 153 -22.63 -18.21 -17.02
N ASN B 154 -21.75 -17.44 -17.65
CA ASN B 154 -21.51 -17.58 -19.07
C ASN B 154 -20.07 -17.22 -19.38
N SER B 155 -19.33 -18.16 -19.96
CA SER B 155 -17.94 -17.92 -20.29
C SER B 155 -17.82 -17.46 -21.72
N VAL B 156 -17.26 -16.27 -21.91
CA VAL B 156 -17.10 -15.68 -23.22
C VAL B 156 -15.64 -15.78 -23.65
N SER B 157 -15.43 -16.46 -24.77
CA SER B 157 -14.09 -16.65 -25.30
C SER B 157 -13.37 -15.34 -25.59
N GLY B 158 -12.13 -15.24 -25.12
CA GLY B 158 -11.35 -14.04 -25.35
C GLY B 158 -11.71 -12.86 -24.46
N ALA B 159 -12.62 -13.07 -23.53
CA ALA B 159 -13.06 -12.02 -22.64
C ALA B 159 -12.30 -11.98 -21.32
N VAL B 160 -11.88 -10.78 -20.91
CA VAL B 160 -11.18 -10.60 -19.63
C VAL B 160 -12.26 -10.50 -18.56
N VAL B 161 -12.22 -11.40 -17.58
CA VAL B 161 -13.18 -11.43 -16.50
C VAL B 161 -12.49 -10.97 -15.20
N LYS B 162 -13.20 -10.21 -14.36
CA LYS B 162 -12.64 -9.72 -13.10
C LYS B 162 -13.44 -10.27 -11.94
N VAL B 163 -12.74 -10.71 -10.89
CA VAL B 163 -13.40 -11.28 -9.72
C VAL B 163 -12.91 -10.67 -8.43
N THR B 164 -13.83 -10.47 -7.49
CA THR B 164 -13.49 -9.92 -6.18
C THR B 164 -14.11 -10.86 -5.15
N VAL B 165 -13.30 -11.26 -4.17
CA VAL B 165 -13.72 -12.20 -3.12
C VAL B 165 -13.47 -11.61 -1.74
N ILE B 166 -14.47 -11.71 -0.86
CA ILE B 166 -14.37 -11.20 0.51
C ILE B 166 -14.76 -12.30 1.49
N TYR B 167 -13.90 -12.55 2.48
CA TYR B 167 -14.20 -13.55 3.48
C TYR B 167 -14.23 -12.84 4.83
N ASP B 168 -15.39 -12.87 5.47
CA ASP B 168 -15.55 -12.24 6.78
C ASP B 168 -15.44 -13.30 7.87
N SER B 169 -14.40 -13.21 8.69
CA SER B 169 -14.15 -14.17 9.78
C SER B 169 -15.33 -14.30 10.77
N SER B 170 -15.91 -13.19 11.16
CA SER B 170 -17.04 -13.18 12.12
C SER B 170 -18.22 -14.06 11.71
N THR B 171 -18.74 -13.83 10.51
CA THR B 171 -19.88 -14.61 10.03
C THR B 171 -19.44 -15.85 9.27
N LYS B 172 -18.14 -15.92 8.95
CA LYS B 172 -17.56 -17.03 8.19
C LYS B 172 -18.21 -17.10 6.81
N THR B 173 -18.52 -15.92 6.27
CA THR B 173 -19.14 -15.82 4.96
C THR B 173 -18.10 -15.55 3.87
N LEU B 174 -18.27 -16.23 2.75
CA LEU B 174 -17.38 -16.08 1.60
C LEU B 174 -18.29 -15.62 0.48
N SER B 175 -18.04 -14.41 0.00
CA SER B 175 -18.83 -13.83 -1.10
C SER B 175 -17.94 -13.47 -2.27
N VAL B 176 -18.47 -13.72 -3.45
CA VAL B 176 -17.77 -13.50 -4.70
C VAL B 176 -18.60 -12.61 -5.63
N ALA B 177 -17.91 -11.70 -6.30
CA ALA B 177 -18.54 -10.80 -7.27
C ALA B 177 -17.75 -10.96 -8.57
N VAL B 178 -18.43 -11.41 -9.61
CA VAL B 178 -17.81 -11.62 -10.91
C VAL B 178 -18.34 -10.56 -11.86
N THR B 179 -17.42 -9.78 -12.42
CA THR B 179 -17.76 -8.74 -13.37
C THR B 179 -17.50 -9.21 -14.79
N ASN B 180 -18.59 -9.48 -15.52
CA ASN B 180 -18.48 -9.93 -16.91
C ASN B 180 -18.01 -8.85 -17.88
N ASP B 181 -17.67 -9.27 -19.10
CA ASP B 181 -17.18 -8.38 -20.13
C ASP B 181 -18.19 -7.27 -20.45
N ASN B 182 -19.45 -7.67 -20.59
CA ASN B 182 -20.54 -6.75 -20.92
C ASN B 182 -21.01 -5.80 -19.80
N GLY B 183 -20.40 -5.86 -18.63
CA GLY B 183 -20.81 -4.97 -17.56
C GLY B 183 -21.62 -5.62 -16.44
N ASP B 184 -22.37 -6.66 -16.76
CA ASP B 184 -23.18 -7.37 -15.78
C ASP B 184 -22.34 -8.02 -14.68
N ILE B 185 -22.90 -8.16 -13.48
CA ILE B 185 -22.17 -8.80 -12.40
C ILE B 185 -22.92 -10.03 -11.91
N THR B 186 -22.18 -11.04 -11.46
CA THR B 186 -22.78 -12.27 -10.95
C THR B 186 -22.21 -12.46 -9.55
N THR B 187 -23.05 -12.79 -8.59
CA THR B 187 -22.58 -12.99 -7.22
C THR B 187 -23.06 -14.31 -6.62
N ILE B 188 -22.31 -14.79 -5.63
CA ILE B 188 -22.65 -16.02 -4.92
C ILE B 188 -21.96 -15.92 -3.57
N ALA B 189 -22.63 -16.35 -2.53
CA ALA B 189 -22.07 -16.31 -1.18
C ALA B 189 -22.44 -17.59 -0.43
N GLN B 190 -21.56 -18.02 0.47
CA GLN B 190 -21.79 -19.24 1.22
C GLN B 190 -21.01 -19.17 2.50
N VAL B 191 -21.57 -19.71 3.57
CA VAL B 191 -20.91 -19.73 4.87
C VAL B 191 -20.02 -20.98 4.92
N VAL B 192 -18.72 -20.74 5.13
CA VAL B 192 -17.72 -21.80 5.18
C VAL B 192 -16.80 -21.56 6.37
N ASP B 193 -16.77 -22.52 7.30
CA ASP B 193 -15.91 -22.42 8.45
C ASP B 193 -14.50 -22.92 8.10
N LEU B 194 -13.60 -22.02 7.74
CA LEU B 194 -12.23 -22.40 7.36
C LEU B 194 -11.47 -23.09 8.49
N LYS B 195 -11.79 -22.74 9.72
CA LYS B 195 -11.13 -23.31 10.88
C LYS B 195 -11.45 -24.79 11.08
N ALA B 196 -12.59 -25.23 10.56
CA ALA B 196 -13.00 -26.61 10.70
C ALA B 196 -12.72 -27.50 9.49
N LYS B 197 -12.34 -26.89 8.36
CA LYS B 197 -12.07 -27.63 7.13
C LYS B 197 -10.59 -27.64 6.74
N LEU B 198 -9.85 -26.63 7.19
CA LEU B 198 -8.44 -26.53 6.84
C LEU B 198 -7.58 -26.33 8.06
N PRO B 199 -6.27 -26.56 7.92
CA PRO B 199 -5.34 -26.39 9.04
C PRO B 199 -4.89 -24.94 9.20
N GLU B 200 -4.17 -24.67 10.26
CA GLU B 200 -3.66 -23.32 10.53
C GLU B 200 -2.89 -22.67 9.39
N ARG B 201 -2.02 -23.43 8.73
CA ARG B 201 -1.24 -22.89 7.61
C ARG B 201 -1.74 -23.43 6.30
N VAL B 202 -1.95 -22.54 5.33
CA VAL B 202 -2.45 -22.96 4.02
C VAL B 202 -1.75 -22.24 2.90
N LYS B 203 -2.10 -22.58 1.67
CA LYS B 203 -1.55 -21.93 0.50
C LYS B 203 -2.71 -21.58 -0.45
N PHE B 204 -2.60 -20.41 -1.08
CA PHE B 204 -3.61 -19.93 -2.01
C PHE B 204 -3.05 -20.03 -3.41
N GLY B 205 -3.91 -20.36 -4.38
CA GLY B 205 -3.46 -20.45 -5.76
C GLY B 205 -4.60 -20.71 -6.72
N PHE B 206 -4.26 -20.94 -7.99
CA PHE B 206 -5.23 -21.23 -9.04
C PHE B 206 -4.86 -22.55 -9.71
N SER B 207 -5.83 -23.24 -10.28
CA SER B 207 -5.61 -24.52 -10.95
C SER B 207 -6.54 -24.59 -12.15
N ALA B 208 -6.11 -25.31 -13.18
CA ALA B 208 -6.90 -25.49 -14.40
C ALA B 208 -6.58 -26.87 -14.99
N SER B 209 -7.47 -27.38 -15.84
CA SER B 209 -7.25 -28.69 -16.43
C SER B 209 -8.00 -28.91 -17.74
N GLY B 210 -7.59 -29.96 -18.46
CA GLY B 210 -8.22 -30.33 -19.71
C GLY B 210 -8.30 -31.85 -19.76
N SER B 211 -8.77 -32.39 -20.87
CA SER B 211 -8.88 -33.83 -21.00
C SER B 211 -8.28 -34.17 -22.35
N LEU B 212 -8.79 -35.21 -23.01
CA LEU B 212 -8.29 -35.59 -24.32
C LEU B 212 -8.93 -34.68 -25.37
N GLY B 213 -10.26 -34.62 -25.35
CA GLY B 213 -11.01 -33.82 -26.29
C GLY B 213 -11.39 -32.44 -25.80
N GLY B 214 -11.24 -32.19 -24.51
CA GLY B 214 -11.56 -30.90 -23.95
C GLY B 214 -10.31 -30.11 -23.65
N ARG B 215 -10.12 -28.98 -24.35
CA ARG B 215 -8.94 -28.13 -24.15
C ARG B 215 -9.24 -26.71 -24.58
N GLN B 216 -8.64 -25.75 -23.87
CA GLN B 216 -8.82 -24.33 -24.15
C GLN B 216 -7.72 -23.59 -23.41
N ILE B 217 -7.55 -22.31 -23.71
CA ILE B 217 -6.53 -21.49 -23.07
C ILE B 217 -7.05 -21.00 -21.72
N HIS B 218 -6.23 -21.14 -20.68
CA HIS B 218 -6.59 -20.69 -19.32
C HIS B 218 -5.52 -19.71 -18.91
N LEU B 219 -5.84 -18.42 -18.83
CA LEU B 219 -4.87 -17.40 -18.47
C LEU B 219 -5.16 -16.68 -17.16
N ILE B 220 -4.11 -16.43 -16.38
CA ILE B 220 -4.23 -15.67 -15.14
C ILE B 220 -3.46 -14.39 -15.49
N ARG B 221 -4.14 -13.26 -15.40
CA ARG B 221 -3.52 -11.98 -15.77
C ARG B 221 -2.96 -11.13 -14.64
N SER B 222 -3.65 -11.11 -13.50
CA SER B 222 -3.19 -10.34 -12.35
C SER B 222 -3.79 -10.91 -11.08
N TRP B 223 -3.26 -10.50 -9.93
CA TRP B 223 -3.77 -11.00 -8.67
C TRP B 223 -3.19 -10.18 -7.51
N SER B 224 -4.08 -9.71 -6.63
CA SER B 224 -3.69 -8.93 -5.45
C SER B 224 -4.38 -9.61 -4.27
N PHE B 225 -3.72 -9.59 -3.12
CA PHE B 225 -4.28 -10.28 -1.96
C PHE B 225 -3.85 -9.60 -0.66
N THR B 226 -4.76 -9.61 0.32
CA THR B 226 -4.50 -9.05 1.63
C THR B 226 -5.32 -9.86 2.65
N SER B 227 -4.67 -10.21 3.74
CA SER B 227 -5.32 -10.96 4.81
C SER B 227 -4.85 -10.36 6.13
N THR B 228 -5.74 -10.34 7.11
CA THR B 228 -5.37 -9.80 8.39
C THR B 228 -5.92 -10.70 9.48
N LEU B 229 -5.04 -11.12 10.38
CA LEU B 229 -5.42 -11.97 11.50
C LEU B 229 -5.23 -11.18 12.77
N ILE B 230 -6.27 -11.10 13.59
CA ILE B 230 -6.19 -10.37 14.84
C ILE B 230 -5.43 -11.26 15.81
N THR B 231 -4.24 -10.81 16.18
CA THR B 231 -3.40 -11.55 17.09
C THR B 231 -3.56 -11.04 18.52
N THR B 232 -4.73 -11.26 19.11
CA THR B 232 -5.02 -10.83 20.49
C THR B 232 -6.45 -11.21 20.91
N ALA C 1 -31.38 -8.81 -18.23
CA ALA C 1 -31.06 -8.31 -16.87
C ALA C 1 -31.08 -6.80 -16.89
N GLU C 2 -31.36 -6.20 -15.74
CA GLU C 2 -31.43 -4.75 -15.59
C GLU C 2 -30.20 -4.28 -14.81
N THR C 3 -29.30 -3.59 -15.49
CA THR C 3 -28.06 -3.11 -14.88
C THR C 3 -27.88 -1.59 -14.85
N VAL C 4 -27.41 -1.09 -13.71
CA VAL C 4 -27.15 0.33 -13.51
C VAL C 4 -25.69 0.40 -13.09
N SER C 5 -24.89 1.21 -13.78
CA SER C 5 -23.48 1.35 -13.39
C SER C 5 -22.91 2.75 -13.68
N PHE C 6 -22.11 3.26 -12.76
CA PHE C 6 -21.51 4.57 -12.91
C PHE C 6 -20.15 4.57 -12.21
N ASN C 7 -19.30 5.52 -12.59
CA ASN C 7 -17.96 5.65 -12.01
C ASN C 7 -17.56 7.13 -11.90
N PHE C 8 -17.18 7.54 -10.71
CA PHE C 8 -16.79 8.92 -10.44
C PHE C 8 -15.37 8.98 -9.93
N ASN C 9 -14.47 9.54 -10.74
CA ASN C 9 -13.06 9.69 -10.35
C ASN C 9 -12.91 11.06 -9.69
N SER C 10 -13.81 11.96 -10.05
CA SER C 10 -13.84 13.31 -9.52
C SER C 10 -15.27 13.82 -9.66
N PHE C 11 -15.69 14.65 -8.71
CA PHE C 11 -17.03 15.20 -8.71
C PHE C 11 -17.00 16.67 -9.09
N SER C 12 -18.09 17.15 -9.65
CA SER C 12 -18.19 18.53 -10.05
C SER C 12 -19.59 19.03 -9.75
N GLU C 13 -19.69 20.27 -9.30
CA GLU C 13 -20.98 20.87 -9.01
C GLU C 13 -21.57 21.24 -10.37
N GLY C 14 -22.83 20.86 -10.58
CA GLY C 14 -23.46 21.14 -11.85
C GLY C 14 -23.72 19.88 -12.66
N ASN C 15 -23.20 18.75 -12.18
CA ASN C 15 -23.40 17.48 -12.86
C ASN C 15 -24.79 17.01 -12.43
N PRO C 16 -25.73 16.91 -13.38
CA PRO C 16 -27.12 16.48 -13.13
C PRO C 16 -27.29 15.07 -12.54
N ALA C 17 -26.20 14.31 -12.53
CA ALA C 17 -26.21 12.95 -12.02
C ALA C 17 -26.07 12.89 -10.51
N ILE C 18 -25.71 14.02 -9.90
CA ILE C 18 -25.51 14.07 -8.46
C ILE C 18 -26.47 15.04 -7.79
N ASN C 19 -26.94 14.67 -6.60
CA ASN C 19 -27.85 15.50 -5.82
C ASN C 19 -27.12 15.92 -4.56
N PHE C 20 -27.02 17.22 -4.33
CA PHE C 20 -26.35 17.69 -3.12
C PHE C 20 -27.47 18.15 -2.17
N GLN C 21 -27.32 17.84 -0.89
CA GLN C 21 -28.29 18.23 0.13
C GLN C 21 -27.47 18.74 1.31
N GLY C 22 -27.82 19.89 1.86
CA GLY C 22 -27.09 20.41 3.01
C GLY C 22 -25.80 21.17 2.75
N ASP C 23 -24.86 21.08 3.69
CA ASP C 23 -23.57 21.76 3.62
C ASP C 23 -22.52 21.15 2.68
N VAL C 24 -22.96 20.34 1.72
CA VAL C 24 -22.06 19.70 0.78
C VAL C 24 -21.36 20.76 -0.06
N THR C 25 -20.09 20.53 -0.36
CA THR C 25 -19.31 21.45 -1.17
C THR C 25 -18.32 20.65 -2.04
N VAL C 26 -18.06 21.10 -3.27
CA VAL C 26 -17.13 20.40 -4.16
C VAL C 26 -15.85 21.22 -4.28
N LEU C 27 -14.74 20.68 -3.75
CA LEU C 27 -13.45 21.37 -3.79
C LEU C 27 -12.88 21.45 -5.18
N SER C 28 -11.88 22.30 -5.36
CA SER C 28 -11.25 22.49 -6.66
C SER C 28 -10.56 21.24 -7.19
N ASN C 29 -10.22 20.32 -6.29
CA ASN C 29 -9.54 19.09 -6.68
C ASN C 29 -10.51 17.97 -7.07
N GLY C 30 -11.81 18.28 -7.07
CA GLY C 30 -12.82 17.31 -7.44
C GLY C 30 -13.42 16.56 -6.28
N ASN C 31 -12.83 16.72 -5.10
CA ASN C 31 -13.35 16.02 -3.92
C ASN C 31 -14.60 16.68 -3.40
N ILE C 32 -15.38 15.89 -2.69
CA ILE C 32 -16.59 16.38 -2.07
C ILE C 32 -16.33 16.51 -0.57
N GLN C 33 -16.59 17.69 -0.02
CA GLN C 33 -16.43 17.91 1.41
C GLN C 33 -17.87 17.91 1.92
N LEU C 34 -18.19 16.97 2.79
CA LEU C 34 -19.57 16.83 3.25
C LEU C 34 -20.08 17.83 4.29
N THR C 35 -19.23 18.25 5.23
CA THR C 35 -19.71 19.19 6.22
C THR C 35 -18.97 20.52 6.19
N ASN C 36 -19.61 21.53 6.77
CA ASN C 36 -19.06 22.87 6.85
C ASN C 36 -18.38 23.01 8.22
N LEU C 37 -17.08 23.28 8.20
CA LEU C 37 -16.28 23.44 9.41
C LEU C 37 -16.64 24.62 10.32
N ASN C 38 -17.43 25.54 9.80
CA ASN C 38 -17.81 26.72 10.58
C ASN C 38 -19.26 26.75 11.03
N LYS C 39 -19.97 25.64 10.89
CA LYS C 39 -21.37 25.60 11.29
C LYS C 39 -21.65 24.62 12.41
N VAL C 40 -22.55 25.01 13.30
CA VAL C 40 -22.92 24.16 14.41
C VAL C 40 -23.90 23.12 13.86
N ASN C 41 -23.77 21.88 14.32
CA ASN C 41 -24.65 20.79 13.89
C ASN C 41 -24.75 20.68 12.37
N SER C 42 -23.61 20.79 11.69
CA SER C 42 -23.52 20.72 10.24
C SER C 42 -23.92 19.34 9.73
N VAL C 43 -24.53 19.30 8.54
CA VAL C 43 -24.95 18.04 7.92
C VAL C 43 -24.89 18.20 6.41
N GLY C 44 -24.24 17.26 5.74
CA GLY C 44 -24.12 17.30 4.30
C GLY C 44 -24.35 15.91 3.73
N ARG C 45 -25.02 15.81 2.60
CA ARG C 45 -25.31 14.53 1.98
C ARG C 45 -25.25 14.63 0.48
N VAL C 46 -24.75 13.57 -0.16
CA VAL C 46 -24.65 13.50 -1.60
C VAL C 46 -25.31 12.20 -2.04
N LEU C 47 -26.16 12.26 -3.06
CA LEU C 47 -26.88 11.09 -3.57
C LEU C 47 -26.74 10.97 -5.07
N TYR C 48 -26.87 9.75 -5.57
CA TYR C 48 -26.83 9.52 -7.01
C TYR C 48 -28.23 9.93 -7.44
N ALA C 49 -28.32 10.94 -8.31
CA ALA C 49 -29.60 11.47 -8.77
C ALA C 49 -30.67 10.47 -9.19
N MET C 50 -30.29 9.50 -10.01
CA MET C 50 -31.24 8.51 -10.51
C MET C 50 -31.61 7.42 -9.49
N PRO C 51 -32.92 7.19 -9.29
CA PRO C 51 -33.34 6.15 -8.34
C PRO C 51 -33.08 4.77 -8.96
N VAL C 52 -32.51 3.88 -8.16
CA VAL C 52 -32.22 2.53 -8.60
C VAL C 52 -33.32 1.60 -8.09
N ARG C 53 -33.75 0.69 -8.96
CA ARG C 53 -34.79 -0.29 -8.64
C ARG C 53 -34.11 -1.54 -8.07
N ILE C 54 -34.15 -1.71 -6.76
CA ILE C 54 -33.52 -2.86 -6.12
C ILE C 54 -34.35 -4.13 -6.06
N TRP C 55 -35.66 -4.03 -6.26
CA TRP C 55 -36.49 -5.23 -6.25
C TRP C 55 -37.78 -5.03 -6.99
N SER C 56 -38.33 -6.12 -7.52
CA SER C 56 -39.56 -6.08 -8.29
C SER C 56 -40.70 -6.81 -7.61
N SER C 57 -41.85 -6.14 -7.52
CA SER C 57 -43.05 -6.73 -6.90
C SER C 57 -43.71 -7.71 -7.87
N ALA C 58 -43.35 -7.57 -9.14
CA ALA C 58 -43.87 -8.43 -10.21
C ALA C 58 -43.26 -9.83 -10.11
N THR C 59 -41.93 -9.88 -10.13
CA THR C 59 -41.18 -11.13 -10.06
C THR C 59 -40.89 -11.55 -8.62
N GLY C 60 -40.44 -10.60 -7.82
CA GLY C 60 -40.11 -10.90 -6.42
C GLY C 60 -38.61 -10.92 -6.24
N ASN C 61 -37.87 -10.64 -7.31
CA ASN C 61 -36.41 -10.65 -7.27
C ASN C 61 -35.85 -9.41 -6.59
N VAL C 62 -34.67 -9.58 -6.02
CA VAL C 62 -33.93 -8.51 -5.37
C VAL C 62 -32.64 -8.44 -6.18
N ALA C 63 -32.07 -7.26 -6.31
CA ALA C 63 -30.85 -7.09 -7.09
C ALA C 63 -29.58 -7.35 -6.29
N SER C 64 -28.46 -7.53 -6.98
CA SER C 64 -27.18 -7.73 -6.33
C SER C 64 -26.35 -6.52 -6.72
N PHE C 65 -25.42 -6.13 -5.88
CA PHE C 65 -24.60 -4.98 -6.23
C PHE C 65 -23.17 -5.09 -5.73
N LEU C 66 -22.30 -4.35 -6.38
CA LEU C 66 -20.89 -4.28 -6.05
C LEU C 66 -20.56 -2.81 -6.13
N THR C 67 -20.04 -2.26 -5.04
CA THR C 67 -19.69 -0.86 -5.00
C THR C 67 -18.41 -0.63 -4.19
N SER C 68 -17.60 0.32 -4.63
CA SER C 68 -16.38 0.67 -3.95
C SER C 68 -16.18 2.17 -3.99
N PHE C 69 -15.64 2.72 -2.91
CA PHE C 69 -15.40 4.14 -2.77
C PHE C 69 -14.22 4.38 -1.82
N SER C 70 -13.61 5.56 -1.92
CA SER C 70 -12.50 5.93 -1.04
C SER C 70 -12.82 7.27 -0.39
N PHE C 71 -12.46 7.39 0.88
CA PHE C 71 -12.73 8.62 1.62
C PHE C 71 -11.54 9.03 2.48
N GLU C 72 -11.61 10.23 3.03
CA GLU C 72 -10.57 10.75 3.88
C GLU C 72 -11.17 11.61 4.99
N MET C 73 -10.71 11.42 6.22
CA MET C 73 -11.18 12.20 7.34
C MET C 73 -9.93 12.83 7.91
N LYS C 74 -10.01 14.09 8.30
CA LYS C 74 -8.84 14.78 8.82
C LYS C 74 -9.20 15.65 10.00
N ASP C 75 -8.32 15.69 10.98
CA ASP C 75 -8.52 16.50 12.17
C ASP C 75 -8.28 17.97 11.89
N ILE C 76 -9.05 18.81 12.56
CA ILE C 76 -8.92 20.26 12.47
C ILE C 76 -8.60 20.69 13.90
N LYS C 77 -7.96 21.84 14.03
CA LYS C 77 -7.57 22.36 15.33
C LYS C 77 -8.71 22.69 16.28
N ASP C 78 -8.50 22.36 17.56
CA ASP C 78 -9.45 22.64 18.64
C ASP C 78 -10.75 21.85 18.70
N TYR C 79 -11.14 21.21 17.62
CA TYR C 79 -12.38 20.45 17.60
C TYR C 79 -12.16 18.95 17.71
N ASP C 80 -13.11 18.26 18.33
CA ASP C 80 -13.04 16.81 18.45
C ASP C 80 -13.35 16.25 17.07
N PRO C 81 -12.56 15.28 16.59
CA PRO C 81 -12.81 14.68 15.28
C PRO C 81 -14.09 13.85 15.40
N ALA C 82 -15.18 14.36 14.86
CA ALA C 82 -16.49 13.72 14.91
C ALA C 82 -17.30 14.28 13.75
N ASP C 83 -18.38 13.61 13.35
CA ASP C 83 -18.84 12.36 13.93
C ASP C 83 -18.63 11.12 13.06
N GLY C 84 -18.39 11.33 11.78
CA GLY C 84 -18.18 10.19 10.89
C GLY C 84 -18.94 10.30 9.60
N ILE C 85 -18.79 9.26 8.77
CA ILE C 85 -19.42 9.15 7.45
C ILE C 85 -20.30 7.90 7.38
N ILE C 86 -21.35 7.94 6.56
CA ILE C 86 -22.23 6.78 6.40
C ILE C 86 -22.71 6.57 4.95
N PHE C 87 -22.49 5.37 4.43
CA PHE C 87 -22.94 5.00 3.08
C PHE C 87 -24.36 4.47 3.32
N PHE C 88 -25.36 5.05 2.67
CA PHE C 88 -26.72 4.60 2.91
C PHE C 88 -27.60 4.42 1.68
N ILE C 89 -28.70 3.71 1.92
CA ILE C 89 -29.70 3.41 0.92
C ILE C 89 -31.03 3.82 1.52
N ALA C 90 -31.78 4.66 0.83
CA ALA C 90 -33.05 5.11 1.37
C ALA C 90 -34.08 5.35 0.27
N PRO C 91 -35.37 5.54 0.64
CA PRO C 91 -36.45 5.77 -0.35
C PRO C 91 -36.11 6.96 -1.27
N GLU C 92 -36.65 6.97 -2.47
CA GLU C 92 -36.33 8.06 -3.40
C GLU C 92 -36.67 9.49 -2.92
N ASP C 93 -37.56 9.61 -1.94
CA ASP C 93 -37.95 10.91 -1.38
C ASP C 93 -37.12 11.35 -0.15
N THR C 94 -36.00 10.68 0.09
CA THR C 94 -35.16 10.97 1.26
C THR C 94 -34.57 12.39 1.34
N GLN C 95 -34.76 13.00 2.51
CA GLN C 95 -34.28 14.35 2.79
C GLN C 95 -33.66 14.37 4.18
N ILE C 96 -32.77 15.33 4.44
CA ILE C 96 -32.14 15.45 5.75
C ILE C 96 -33.26 15.62 6.77
N PRO C 97 -33.26 14.82 7.84
CA PRO C 97 -34.30 14.93 8.87
C PRO C 97 -34.58 16.36 9.32
N ALA C 98 -35.86 16.67 9.50
CA ALA C 98 -36.29 17.99 9.94
C ALA C 98 -35.81 18.25 11.36
N GLY C 99 -35.13 19.37 11.56
CA GLY C 99 -34.62 19.72 12.88
C GLY C 99 -33.44 18.84 13.27
N SER C 100 -32.70 18.38 12.27
CA SER C 100 -31.54 17.52 12.46
C SER C 100 -30.52 18.14 13.39
N ILE C 101 -30.14 17.40 14.43
CA ILE C 101 -29.15 17.89 15.38
C ILE C 101 -27.74 17.54 14.92
N GLY C 102 -27.63 16.99 13.70
CA GLY C 102 -26.33 16.59 13.19
C GLY C 102 -25.74 15.61 14.18
N GLY C 103 -24.48 15.79 14.54
CA GLY C 103 -23.82 14.92 15.51
C GLY C 103 -23.90 13.42 15.28
N GLY C 104 -24.20 12.69 16.36
CA GLY C 104 -24.29 11.24 16.31
C GLY C 104 -25.38 10.61 15.46
N THR C 105 -26.24 11.42 14.83
CA THR C 105 -27.31 10.88 14.01
C THR C 105 -26.81 10.69 12.58
N LEU C 106 -25.59 11.15 12.33
CA LEU C 106 -24.93 11.07 11.02
C LEU C 106 -25.72 11.68 9.86
N GLY C 107 -26.73 12.48 10.20
CA GLY C 107 -27.56 13.15 9.21
C GLY C 107 -28.59 12.28 8.53
N VAL C 108 -28.90 11.13 9.13
CA VAL C 108 -29.87 10.19 8.55
C VAL C 108 -31.01 9.81 9.50
N SER C 109 -30.84 10.07 10.79
CA SER C 109 -31.87 9.72 11.76
C SER C 109 -32.33 10.90 12.62
N ASP C 110 -33.39 10.68 13.38
CA ASP C 110 -33.90 11.70 14.28
C ASP C 110 -33.07 11.68 15.54
N THR C 111 -33.55 12.37 16.57
CA THR C 111 -32.87 12.44 17.85
C THR C 111 -32.79 11.07 18.55
N LYS C 112 -33.82 10.24 18.40
CA LYS C 112 -33.83 8.92 19.01
C LYS C 112 -32.87 7.98 18.29
N GLY C 113 -32.45 8.39 17.09
CA GLY C 113 -31.54 7.55 16.31
C GLY C 113 -32.28 6.65 15.37
N ALA C 114 -33.58 6.89 15.16
CA ALA C 114 -34.41 6.10 14.26
C ALA C 114 -34.56 6.83 12.94
N GLY C 115 -34.88 6.08 11.90
CA GLY C 115 -35.03 6.64 10.58
C GLY C 115 -35.36 5.55 9.59
N HIS C 116 -35.46 5.88 8.32
CA HIS C 116 -35.77 4.88 7.32
C HIS C 116 -34.62 4.78 6.33
N PHE C 117 -33.73 3.84 6.59
CA PHE C 117 -32.57 3.66 5.76
C PHE C 117 -31.83 2.38 6.14
N VAL C 118 -30.86 2.03 5.32
CA VAL C 118 -30.00 0.87 5.54
C VAL C 118 -28.64 1.43 5.15
N GLY C 119 -27.61 1.19 5.97
CA GLY C 119 -26.30 1.70 5.62
C GLY C 119 -25.12 1.15 6.42
N VAL C 120 -23.92 1.54 6.01
CA VAL C 120 -22.67 1.11 6.65
C VAL C 120 -22.02 2.38 7.20
N GLU C 121 -21.76 2.42 8.50
CA GLU C 121 -21.16 3.61 9.10
C GLU C 121 -19.71 3.49 9.54
N PHE C 122 -18.97 4.59 9.40
CA PHE C 122 -17.57 4.68 9.80
C PHE C 122 -17.59 5.76 10.88
N ASP C 123 -18.01 5.33 12.06
CA ASP C 123 -18.20 6.15 13.23
C ASP C 123 -16.92 6.48 14.02
N THR C 124 -16.64 7.78 14.14
CA THR C 124 -15.46 8.23 14.86
C THR C 124 -15.78 8.83 16.24
N TYR C 125 -16.95 8.51 16.79
CA TYR C 125 -17.30 9.01 18.11
C TYR C 125 -18.34 8.13 18.79
N SER C 126 -18.05 7.78 20.04
CA SER C 126 -18.90 6.92 20.86
C SER C 126 -20.08 7.63 21.52
N ASN C 127 -21.24 7.58 20.88
CA ASN C 127 -22.46 8.19 21.42
C ASN C 127 -23.20 7.15 22.25
N SER C 128 -23.06 7.26 23.57
CA SER C 128 -23.70 6.33 24.49
C SER C 128 -25.22 6.24 24.35
N GLU C 129 -25.85 7.31 23.86
CA GLU C 129 -27.30 7.31 23.68
C GLU C 129 -27.77 6.38 22.55
N TYR C 130 -26.86 6.03 21.66
CA TYR C 130 -27.18 5.14 20.53
C TYR C 130 -26.46 3.81 20.73
N ASN C 131 -25.96 3.60 21.94
CA ASN C 131 -25.25 2.39 22.34
C ASN C 131 -24.00 2.11 21.49
N ASP C 132 -23.25 3.16 21.23
CA ASP C 132 -22.01 3.05 20.46
C ASP C 132 -20.91 2.34 21.24
N PRO C 133 -20.06 1.60 20.53
CA PRO C 133 -18.93 0.87 21.14
C PRO C 133 -17.94 1.95 21.62
N PRO C 134 -17.09 1.60 22.59
CA PRO C 134 -16.10 2.55 23.14
C PRO C 134 -14.94 2.96 22.24
N THR C 135 -14.89 2.47 21.01
CA THR C 135 -13.81 2.83 20.09
C THR C 135 -14.40 3.18 18.72
N ASP C 136 -13.55 3.59 17.79
CA ASP C 136 -13.98 3.89 16.43
C ASP C 136 -14.48 2.53 15.94
N HIS C 137 -15.39 2.54 14.99
CA HIS C 137 -15.93 1.29 14.52
C HIS C 137 -16.67 1.39 13.21
N VAL C 138 -16.91 0.25 12.61
CA VAL C 138 -17.66 0.16 11.38
C VAL C 138 -18.93 -0.59 11.82
N GLY C 139 -20.08 -0.23 11.26
CA GLY C 139 -21.30 -0.90 11.66
C GLY C 139 -22.35 -0.98 10.58
N ILE C 140 -23.23 -1.97 10.71
CA ILE C 140 -24.34 -2.17 9.77
C ILE C 140 -25.57 -1.59 10.47
N ASP C 141 -26.19 -0.61 9.84
CA ASP C 141 -27.36 0.06 10.37
C ASP C 141 -28.62 -0.25 9.59
N VAL C 142 -29.65 -0.71 10.29
CA VAL C 142 -30.93 -1.01 9.65
C VAL C 142 -32.01 -0.16 10.33
N ASN C 143 -32.37 0.96 9.69
CA ASN C 143 -33.38 1.89 10.20
C ASN C 143 -33.02 2.52 11.55
N SER C 144 -31.74 2.61 11.87
CA SER C 144 -31.30 3.17 13.14
C SER C 144 -29.79 3.30 13.23
N VAL C 145 -29.31 4.24 14.03
CA VAL C 145 -27.87 4.40 14.22
C VAL C 145 -27.43 3.58 15.43
N ASP C 146 -28.37 2.82 15.98
CA ASP C 146 -28.03 1.91 17.06
C ASP C 146 -27.76 0.67 16.19
N SER C 147 -26.49 0.51 15.79
CA SER C 147 -26.07 -0.55 14.91
C SER C 147 -26.47 -1.98 15.27
N VAL C 148 -26.89 -2.71 14.24
CA VAL C 148 -27.29 -4.10 14.37
C VAL C 148 -26.06 -4.94 14.71
N LYS C 149 -24.93 -4.54 14.14
CA LYS C 149 -23.65 -5.23 14.33
C LYS C 149 -22.50 -4.23 14.09
N THR C 150 -21.43 -4.33 14.88
CA THR C 150 -20.26 -3.46 14.73
C THR C 150 -18.95 -4.21 14.88
N VAL C 151 -17.87 -3.58 14.45
CA VAL C 151 -16.53 -4.17 14.52
C VAL C 151 -15.51 -3.05 14.78
N PRO C 152 -14.58 -3.25 15.74
CA PRO C 152 -13.57 -2.25 16.06
C PRO C 152 -12.81 -1.83 14.82
N TRP C 153 -12.48 -0.54 14.76
CA TRP C 153 -11.78 0.03 13.62
C TRP C 153 -10.94 1.18 14.16
N ASN C 154 -10.19 1.83 13.28
CA ASN C 154 -9.35 2.94 13.70
C ASN C 154 -9.27 3.99 12.59
N SER C 155 -9.71 5.20 12.88
CA SER C 155 -9.68 6.26 11.89
C SER C 155 -8.38 7.06 12.01
N VAL C 156 -7.61 7.07 10.93
CA VAL C 156 -6.34 7.78 10.89
C VAL C 156 -6.47 9.08 10.10
N SER C 157 -6.20 10.18 10.78
CA SER C 157 -6.27 11.52 10.21
C SER C 157 -5.38 11.68 8.98
N GLY C 158 -5.97 12.15 7.89
CA GLY C 158 -5.21 12.38 6.67
C GLY C 158 -4.94 11.13 5.87
N ALA C 159 -5.60 10.03 6.24
CA ALA C 159 -5.40 8.76 5.56
C ALA C 159 -6.48 8.42 4.55
N VAL C 160 -6.07 8.03 3.35
CA VAL C 160 -7.04 7.66 2.33
C VAL C 160 -7.46 6.21 2.60
N VAL C 161 -8.75 6.01 2.86
CA VAL C 161 -9.31 4.68 3.16
C VAL C 161 -10.09 4.17 1.95
N LYS C 162 -10.04 2.86 1.70
CA LYS C 162 -10.76 2.26 0.58
C LYS C 162 -11.74 1.23 1.11
N VAL C 163 -12.91 1.19 0.50
CA VAL C 163 -13.96 0.27 0.91
C VAL C 163 -14.58 -0.45 -0.28
N THR C 164 -14.92 -1.71 -0.09
CA THR C 164 -15.57 -2.51 -1.12
C THR C 164 -16.78 -3.19 -0.44
N VAL C 165 -17.94 -3.08 -1.08
CA VAL C 165 -19.16 -3.65 -0.54
C VAL C 165 -19.84 -4.55 -1.55
N ILE C 166 -20.27 -5.73 -1.11
CA ILE C 166 -20.95 -6.72 -1.97
C ILE C 166 -22.26 -7.13 -1.31
N TYR C 167 -23.34 -7.13 -2.09
CA TYR C 167 -24.63 -7.57 -1.59
C TYR C 167 -25.05 -8.71 -2.50
N ASP C 168 -25.36 -9.85 -1.89
CA ASP C 168 -25.78 -11.04 -2.63
C ASP C 168 -27.26 -11.25 -2.42
N SER C 169 -28.03 -11.08 -3.48
CA SER C 169 -29.48 -11.23 -3.41
C SER C 169 -29.99 -12.54 -2.82
N SER C 170 -29.40 -13.65 -3.27
CA SER C 170 -29.78 -15.00 -2.84
C SER C 170 -29.74 -15.22 -1.33
N THR C 171 -28.61 -14.91 -0.73
CA THR C 171 -28.43 -15.08 0.72
C THR C 171 -28.83 -13.80 1.47
N LYS C 172 -28.98 -12.70 0.74
CA LYS C 172 -29.32 -11.40 1.32
C LYS C 172 -28.21 -10.96 2.27
N THR C 173 -26.99 -11.28 1.88
CA THR C 173 -25.84 -10.94 2.71
C THR C 173 -25.14 -9.69 2.22
N LEU C 174 -24.82 -8.82 3.18
CA LEU C 174 -24.11 -7.58 2.89
C LEU C 174 -22.76 -7.66 3.58
N SER C 175 -21.70 -7.72 2.80
CA SER C 175 -20.35 -7.80 3.35
C SER C 175 -19.49 -6.62 2.92
N VAL C 176 -18.72 -6.10 3.87
CA VAL C 176 -17.87 -4.95 3.65
C VAL C 176 -16.41 -5.27 3.94
N ALA C 177 -15.51 -4.74 3.13
CA ALA C 177 -14.09 -4.92 3.33
C ALA C 177 -13.45 -3.52 3.32
N VAL C 178 -12.81 -3.17 4.41
CA VAL C 178 -12.17 -1.87 4.55
C VAL C 178 -10.66 -2.00 4.55
N THR C 179 -10.00 -1.41 3.55
CA THR C 179 -8.55 -1.45 3.46
C THR C 179 -7.93 -0.22 4.11
N ASN C 180 -7.32 -0.39 5.27
CA ASN C 180 -6.70 0.73 5.97
C ASN C 180 -5.44 1.21 5.27
N ASP C 181 -4.93 2.36 5.74
CA ASP C 181 -3.73 2.97 5.18
C ASP C 181 -2.49 2.06 5.27
N ASN C 182 -2.31 1.42 6.43
CA ASN C 182 -1.16 0.54 6.66
C ASN C 182 -1.24 -0.85 5.99
N GLY C 183 -2.29 -1.11 5.21
CA GLY C 183 -2.42 -2.39 4.54
C GLY C 183 -3.44 -3.34 5.14
N ASP C 184 -3.64 -3.25 6.45
CA ASP C 184 -4.59 -4.11 7.15
C ASP C 184 -6.00 -3.96 6.63
N ILE C 185 -6.77 -5.04 6.66
CA ILE C 185 -8.15 -4.97 6.21
C ILE C 185 -9.06 -5.30 7.37
N THR C 186 -10.27 -4.77 7.31
CA THR C 186 -11.28 -4.98 8.34
C THR C 186 -12.56 -5.40 7.62
N THR C 187 -13.23 -6.44 8.09
CA THR C 187 -14.46 -6.87 7.43
C THR C 187 -15.61 -7.04 8.40
N ILE C 188 -16.83 -6.99 7.86
CA ILE C 188 -18.06 -7.14 8.63
C ILE C 188 -19.14 -7.55 7.63
N ALA C 189 -20.00 -8.46 8.02
CA ALA C 189 -21.05 -8.91 7.13
C ALA C 189 -22.30 -9.14 7.95
N GLN C 190 -23.46 -8.97 7.33
CA GLN C 190 -24.73 -9.12 8.01
C GLN C 190 -25.82 -9.42 7.00
N VAL C 191 -26.79 -10.23 7.39
CA VAL C 191 -27.90 -10.57 6.50
C VAL C 191 -28.99 -9.52 6.68
N VAL C 192 -29.31 -8.84 5.57
CA VAL C 192 -30.31 -7.77 5.54
C VAL C 192 -31.27 -7.99 4.38
N ASP C 193 -32.54 -8.14 4.69
CA ASP C 193 -33.53 -8.31 3.63
C ASP C 193 -33.97 -6.95 3.07
N LEU C 194 -33.31 -6.48 2.02
CA LEU C 194 -33.63 -5.20 1.43
C LEU C 194 -35.07 -5.08 1.02
N LYS C 195 -35.65 -6.19 0.58
CA LYS C 195 -37.04 -6.21 0.12
C LYS C 195 -38.08 -5.94 1.22
N ALA C 196 -37.71 -6.25 2.46
CA ALA C 196 -38.64 -6.06 3.57
C ALA C 196 -38.41 -4.76 4.34
N LYS C 197 -37.26 -4.12 4.11
CA LYS C 197 -36.90 -2.88 4.79
C LYS C 197 -37.05 -1.64 3.94
N LEU C 198 -36.89 -1.79 2.63
CA LEU C 198 -36.98 -0.66 1.71
C LEU C 198 -37.98 -0.88 0.58
N PRO C 199 -38.34 0.19 -0.14
CA PRO C 199 -39.28 0.09 -1.26
C PRO C 199 -38.55 -0.23 -2.57
N GLU C 200 -39.32 -0.56 -3.59
CA GLU C 200 -38.78 -0.91 -4.90
C GLU C 200 -37.74 0.05 -5.44
N ARG C 201 -38.02 1.35 -5.32
CA ARG C 201 -37.09 2.36 -5.82
C ARG C 201 -36.40 3.03 -4.66
N VAL C 202 -35.08 3.16 -4.76
CA VAL C 202 -34.27 3.78 -3.71
C VAL C 202 -33.14 4.61 -4.30
N LYS C 203 -32.46 5.35 -3.42
CA LYS C 203 -31.32 6.18 -3.80
C LYS C 203 -30.14 5.85 -2.90
N PHE C 204 -28.95 5.86 -3.49
CA PHE C 204 -27.70 5.55 -2.77
C PHE C 204 -26.91 6.84 -2.61
N GLY C 205 -26.22 6.97 -1.47
CA GLY C 205 -25.43 8.15 -1.23
C GLY C 205 -24.66 8.11 0.07
N PHE C 206 -23.94 9.20 0.37
CA PHE C 206 -23.15 9.32 1.60
C PHE C 206 -23.67 10.49 2.41
N SER C 207 -23.41 10.49 3.71
CA SER C 207 -23.86 11.54 4.61
C SER C 207 -22.81 11.68 5.70
N ALA C 208 -22.65 12.88 6.24
CA ALA C 208 -21.70 13.16 7.31
C ALA C 208 -22.28 14.25 8.19
N SER C 209 -21.78 14.37 9.41
CA SER C 209 -22.29 15.39 10.32
C SER C 209 -21.30 15.80 11.38
N GLY C 210 -21.61 16.90 12.05
CA GLY C 210 -20.78 17.41 13.12
C GLY C 210 -21.70 18.01 14.16
N SER C 211 -21.13 18.53 15.23
CA SER C 211 -21.91 19.14 16.29
C SER C 211 -21.30 20.51 16.57
N LEU C 212 -21.47 21.00 17.80
CA LEU C 212 -20.92 22.28 18.19
C LEU C 212 -19.42 22.13 18.38
N GLY C 213 -19.03 21.19 19.23
CA GLY C 213 -17.62 20.96 19.52
C GLY C 213 -16.97 19.84 18.72
N GLY C 214 -17.78 19.04 18.04
CA GLY C 214 -17.24 17.96 17.25
C GLY C 214 -17.30 18.32 15.79
N ARG C 215 -16.12 18.44 15.16
CA ARG C 215 -16.00 18.76 13.73
C ARG C 215 -14.66 18.23 13.20
N GLN C 216 -14.68 17.85 11.92
CA GLN C 216 -13.50 17.33 11.21
C GLN C 216 -13.83 17.33 9.71
N ILE C 217 -12.82 17.12 8.87
CA ILE C 217 -13.00 17.09 7.43
C ILE C 217 -13.50 15.72 6.98
N HIS C 218 -14.57 15.72 6.20
CA HIS C 218 -15.16 14.50 5.66
C HIS C 218 -15.11 14.61 4.14
N LEU C 219 -14.19 13.87 3.53
CA LEU C 219 -14.03 13.89 2.08
C LEU C 219 -14.41 12.58 1.36
N ILE C 220 -15.06 12.70 0.21
CA ILE C 220 -15.43 11.56 -0.62
C ILE C 220 -14.59 11.80 -1.88
N ARG C 221 -13.69 10.87 -2.18
CA ARG C 221 -12.79 11.02 -3.31
C ARG C 221 -13.20 10.36 -4.63
N SER C 222 -13.81 9.18 -4.57
CA SER C 222 -14.23 8.47 -5.78
C SER C 222 -15.33 7.49 -5.44
N TRP C 223 -16.01 6.98 -6.45
CA TRP C 223 -17.13 6.06 -6.22
C TRP C 223 -17.57 5.37 -7.51
N SER C 224 -17.60 4.04 -7.48
CA SER C 224 -18.06 3.26 -8.64
C SER C 224 -19.12 2.32 -8.10
N PHE C 225 -20.09 2.01 -8.93
CA PHE C 225 -21.21 1.20 -8.52
C PHE C 225 -21.76 0.45 -9.71
N THR C 226 -22.27 -0.75 -9.45
CA THR C 226 -22.90 -1.59 -10.45
C THR C 226 -23.92 -2.44 -9.72
N SER C 227 -25.12 -2.57 -10.29
CA SER C 227 -26.17 -3.39 -9.70
C SER C 227 -26.82 -4.12 -10.86
N THR C 228 -27.30 -5.34 -10.63
CA THR C 228 -27.95 -6.12 -11.66
C THR C 228 -29.16 -6.83 -11.07
N LEU C 229 -30.32 -6.61 -11.67
CA LEU C 229 -31.55 -7.23 -11.23
C LEU C 229 -31.98 -8.17 -12.34
N ILE C 230 -32.26 -9.42 -11.98
CA ILE C 230 -32.70 -10.40 -12.97
C ILE C 230 -34.17 -10.13 -13.26
N THR C 231 -34.44 -9.71 -14.48
CA THR C 231 -35.79 -9.40 -14.89
C THR C 231 -36.42 -10.59 -15.61
N THR C 232 -36.69 -11.66 -14.86
CA THR C 232 -37.29 -12.88 -15.43
C THR C 232 -37.48 -13.96 -14.35
N ALA D 1 26.21 20.42 16.96
CA ALA D 1 25.65 20.31 15.59
C ALA D 1 24.49 21.29 15.42
N GLU D 2 24.26 21.71 14.19
CA GLU D 2 23.22 22.67 13.85
C GLU D 2 22.11 21.95 13.11
N THR D 3 20.96 21.78 13.76
CA THR D 3 19.84 21.06 13.17
C THR D 3 18.56 21.88 12.97
N VAL D 4 17.96 21.76 11.78
CA VAL D 4 16.71 22.44 11.45
C VAL D 4 15.71 21.35 11.11
N SER D 5 14.57 21.30 11.81
CA SER D 5 13.56 20.30 11.48
C SER D 5 12.11 20.82 11.64
N PHE D 6 11.23 20.38 10.76
CA PHE D 6 9.84 20.78 10.80
C PHE D 6 8.99 19.68 10.17
N ASN D 7 7.71 19.65 10.50
CA ASN D 7 6.79 18.64 9.98
C ASN D 7 5.43 19.28 9.74
N PHE D 8 4.91 19.10 8.53
CA PHE D 8 3.61 19.65 8.14
C PHE D 8 2.64 18.56 7.73
N ASN D 9 1.61 18.34 8.54
CA ASN D 9 0.58 17.34 8.24
C ASN D 9 -0.51 18.02 7.41
N SER D 10 -0.64 19.32 7.59
CA SER D 10 -1.61 20.14 6.86
C SER D 10 -1.05 21.55 6.85
N PHE D 11 -1.36 22.28 5.81
CA PHE D 11 -0.90 23.64 5.65
C PHE D 11 -2.06 24.62 5.87
N SER D 12 -1.73 25.82 6.33
CA SER D 12 -2.74 26.83 6.56
C SER D 12 -2.22 28.19 6.12
N GLU D 13 -3.09 29.00 5.52
CA GLU D 13 -2.71 30.33 5.09
C GLU D 13 -2.68 31.20 6.34
N GLY D 14 -1.57 31.90 6.54
CA GLY D 14 -1.45 32.73 7.71
C GLY D 14 -0.34 32.24 8.62
N ASN D 15 0.23 31.08 8.28
CA ASN D 15 1.33 30.51 9.06
C ASN D 15 2.61 31.22 8.62
N PRO D 16 3.23 32.00 9.52
CA PRO D 16 4.46 32.73 9.24
C PRO D 16 5.66 31.88 8.80
N ALA D 17 5.54 30.55 8.96
CA ALA D 17 6.60 29.61 8.62
C ALA D 17 6.62 29.26 7.13
N ILE D 18 5.57 29.66 6.41
CA ILE D 18 5.46 29.36 4.99
C ILE D 18 5.37 30.63 4.15
N ASN D 19 6.00 30.61 2.98
CA ASN D 19 5.99 31.73 2.04
C ASN D 19 5.23 31.27 0.82
N PHE D 20 4.20 31.99 0.44
CA PHE D 20 3.44 31.62 -0.76
C PHE D 20 3.84 32.59 -1.85
N GLN D 21 4.06 32.08 -3.06
CA GLN D 21 4.45 32.92 -4.18
C GLN D 21 3.58 32.50 -5.35
N GLY D 22 2.97 33.46 -6.04
CA GLY D 22 2.17 33.13 -7.20
C GLY D 22 0.74 32.67 -6.95
N ASP D 23 0.27 31.75 -7.80
CA ASP D 23 -1.09 31.22 -7.74
C ASP D 23 -1.39 30.16 -6.67
N VAL D 24 -0.52 30.06 -5.68
CA VAL D 24 -0.68 29.10 -4.59
C VAL D 24 -1.99 29.35 -3.86
N THR D 25 -2.66 28.30 -3.43
CA THR D 25 -3.91 28.40 -2.69
C THR D 25 -3.99 27.27 -1.66
N VAL D 26 -4.56 27.55 -0.48
CA VAL D 26 -4.68 26.53 0.56
C VAL D 26 -6.13 26.08 0.66
N LEU D 27 -6.38 24.83 0.30
CA LEU D 27 -7.72 24.26 0.33
C LEU D 27 -8.22 24.06 1.76
N SER D 28 -9.52 23.84 1.90
CA SER D 28 -10.14 23.64 3.20
C SER D 28 -9.69 22.39 3.92
N ASN D 29 -9.14 21.44 3.17
CA ASN D 29 -8.66 20.18 3.75
C ASN D 29 -7.19 20.25 4.19
N GLY D 30 -6.59 21.43 4.08
CA GLY D 30 -5.21 21.60 4.49
C GLY D 30 -4.20 21.41 3.37
N ASN D 31 -4.65 20.95 2.22
CA ASN D 31 -3.74 20.75 1.10
C ASN D 31 -3.37 22.08 0.45
N ILE D 32 -2.27 22.06 -0.27
CA ILE D 32 -1.81 23.24 -0.98
C ILE D 32 -1.97 22.94 -2.48
N GLN D 33 -2.73 23.80 -3.17
CA GLN D 33 -2.91 23.64 -4.60
C GLN D 33 -1.96 24.68 -5.21
N LEU D 34 -0.97 24.22 -5.97
CA LEU D 34 0.03 25.12 -6.51
C LEU D 34 -0.34 26.01 -7.69
N THR D 35 -1.17 25.54 -8.61
CA THR D 35 -1.53 26.37 -9.75
C THR D 35 -3.00 26.70 -9.80
N ASN D 36 -3.34 27.69 -10.62
CA ASN D 36 -4.71 28.12 -10.79
C ASN D 36 -5.20 27.53 -12.10
N LEU D 37 -6.22 26.69 -12.01
CA LEU D 37 -6.80 26.03 -13.18
C LEU D 37 -7.42 26.96 -14.23
N ASN D 38 -7.64 28.21 -13.87
CA ASN D 38 -8.27 29.16 -14.78
C ASN D 38 -7.33 30.22 -15.34
N LYS D 39 -6.03 30.06 -15.12
CA LYS D 39 -5.06 31.04 -15.61
C LYS D 39 -4.09 30.49 -16.64
N VAL D 40 -3.77 31.31 -17.62
CA VAL D 40 -2.80 30.94 -18.65
C VAL D 40 -1.40 31.06 -18.04
N ASN D 41 -0.52 30.13 -18.36
CA ASN D 41 0.85 30.13 -17.85
C ASN D 41 0.90 30.33 -16.34
N SER D 42 0.01 29.65 -15.63
CA SER D 42 -0.06 29.73 -14.18
C SER D 42 1.23 29.20 -13.51
N VAL D 43 1.60 29.77 -12.37
CA VAL D 43 2.80 29.38 -11.63
C VAL D 43 2.55 29.60 -10.13
N GLY D 44 2.87 28.59 -9.33
CA GLY D 44 2.68 28.70 -7.89
C GLY D 44 3.84 28.03 -7.21
N ARG D 45 4.31 28.63 -6.12
CA ARG D 45 5.44 28.09 -5.38
C ARG D 45 5.23 28.29 -3.90
N VAL D 46 5.76 27.37 -3.11
CA VAL D 46 5.65 27.45 -1.66
C VAL D 46 7.06 27.19 -1.12
N LEU D 47 7.52 28.03 -0.20
CA LEU D 47 8.85 27.88 0.37
C LEU D 47 8.79 27.89 1.89
N TYR D 48 9.78 27.29 2.53
CA TYR D 48 9.83 27.30 3.97
C TYR D 48 10.43 28.69 4.25
N ALA D 49 9.70 29.48 5.02
CA ALA D 49 10.11 30.86 5.36
C ALA D 49 11.54 31.03 5.86
N MET D 50 11.96 30.18 6.78
CA MET D 50 13.30 30.31 7.32
C MET D 50 14.42 29.79 6.42
N PRO D 51 15.43 30.62 6.16
CA PRO D 51 16.55 30.18 5.32
C PRO D 51 17.42 29.21 6.10
N VAL D 52 17.76 28.11 5.45
CA VAL D 52 18.59 27.07 6.05
C VAL D 52 20.04 27.23 5.59
N ARG D 53 20.94 27.09 6.54
CA ARG D 53 22.37 27.21 6.26
C ARG D 53 22.92 25.82 5.88
N ILE D 54 23.10 25.58 4.58
CA ILE D 54 23.61 24.30 4.11
C ILE D 54 25.12 24.10 4.13
N TRP D 55 25.88 25.17 4.28
CA TRP D 55 27.33 25.03 4.35
C TRP D 55 28.00 26.23 5.00
N SER D 56 29.16 25.99 5.59
CA SER D 56 29.87 27.04 6.28
C SER D 56 31.20 27.35 5.62
N SER D 57 31.45 28.63 5.38
CA SER D 57 32.69 29.08 4.76
C SER D 57 33.83 29.03 5.78
N ALA D 58 33.46 29.07 7.06
CA ALA D 58 34.41 29.02 8.15
C ALA D 58 35.08 27.65 8.27
N THR D 59 34.25 26.62 8.37
CA THR D 59 34.71 25.24 8.49
C THR D 59 34.94 24.53 7.15
N GLY D 60 33.98 24.67 6.26
CA GLY D 60 34.09 24.03 4.96
C GLY D 60 33.11 22.87 4.86
N ASN D 61 32.36 22.63 5.93
CA ASN D 61 31.39 21.54 5.98
C ASN D 61 30.12 21.85 5.19
N VAL D 62 29.49 20.77 4.72
CA VAL D 62 28.21 20.83 4.01
C VAL D 62 27.27 19.98 4.89
N ALA D 63 26.00 20.36 4.92
CA ALA D 63 25.01 19.66 5.73
C ALA D 63 24.43 18.44 5.04
N SER D 64 23.83 17.56 5.83
CA SER D 64 23.17 16.37 5.33
C SER D 64 21.71 16.60 5.62
N PHE D 65 20.83 16.04 4.82
CA PHE D 65 19.41 16.20 5.11
C PHE D 65 18.59 15.01 4.66
N LEU D 66 17.46 14.83 5.33
CA LEU D 66 16.53 13.76 5.06
C LEU D 66 15.17 14.46 5.00
N THR D 67 14.47 14.30 3.88
CA THR D 67 13.16 14.94 3.73
C THR D 67 12.21 13.99 3.00
N SER D 68 10.94 14.04 3.37
CA SER D 68 9.91 13.23 2.73
C SER D 68 8.62 14.03 2.60
N PHE D 69 7.93 13.84 1.48
CA PHE D 69 6.69 14.57 1.21
C PHE D 69 5.76 13.74 0.32
N SER D 70 4.48 14.07 0.31
CA SER D 70 3.53 13.37 -0.53
C SER D 70 2.76 14.39 -1.36
N PHE D 71 2.48 14.03 -2.61
CA PHE D 71 1.76 14.91 -3.50
C PHE D 71 0.73 14.14 -4.30
N GLU D 72 -0.09 14.87 -5.03
CA GLU D 72 -1.11 14.28 -5.87
C GLU D 72 -1.32 15.16 -7.08
N MET D 73 -1.46 14.53 -8.24
CA MET D 73 -1.69 15.26 -9.47
C MET D 73 -2.98 14.66 -10.01
N LYS D 74 -3.85 15.50 -10.55
CA LYS D 74 -5.11 15.02 -11.08
C LYS D 74 -5.50 15.70 -12.38
N ASP D 75 -6.01 14.91 -13.32
CA ASP D 75 -6.44 15.41 -14.62
C ASP D 75 -7.74 16.20 -14.52
N ILE D 76 -7.83 17.27 -15.31
CA ILE D 76 -9.03 18.09 -15.37
C ILE D 76 -9.49 17.95 -16.80
N LYS D 77 -10.78 18.17 -17.03
CA LYS D 77 -11.37 18.04 -18.35
C LYS D 77 -10.86 19.01 -19.41
N ASP D 78 -10.67 18.48 -20.61
CA ASP D 78 -10.22 19.24 -21.78
C ASP D 78 -8.78 19.73 -21.82
N TYR D 79 -8.08 19.71 -20.69
CA TYR D 79 -6.70 20.17 -20.68
C TYR D 79 -5.71 19.03 -20.56
N ASP D 80 -4.56 19.21 -21.21
CA ASP D 80 -3.49 18.22 -21.14
C ASP D 80 -2.92 18.27 -19.72
N PRO D 81 -2.70 17.11 -19.09
CA PRO D 81 -2.15 17.11 -17.73
C PRO D 81 -0.68 17.52 -17.84
N ALA D 82 -0.38 18.73 -17.42
CA ALA D 82 0.96 19.31 -17.49
C ALA D 82 1.01 20.44 -16.47
N ASP D 83 2.19 20.89 -16.06
CA ASP D 83 3.49 20.38 -16.52
C ASP D 83 4.26 19.56 -15.51
N GLY D 84 3.86 19.62 -14.24
CA GLY D 84 4.56 18.86 -13.23
C GLY D 84 4.89 19.64 -11.98
N ILE D 85 5.60 18.99 -11.06
CA ILE D 85 6.00 19.58 -9.77
C ILE D 85 7.52 19.48 -9.65
N ILE D 86 8.14 20.35 -8.86
CA ILE D 86 9.59 20.30 -8.65
C ILE D 86 9.97 20.70 -7.22
N PHE D 87 10.73 19.85 -6.56
CA PHE D 87 11.21 20.10 -5.21
C PHE D 87 12.53 20.80 -5.47
N PHE D 88 12.70 22.01 -4.96
CA PHE D 88 13.93 22.75 -5.23
C PHE D 88 14.61 23.45 -4.04
N ILE D 89 15.83 23.85 -4.28
CA ILE D 89 16.65 24.54 -3.30
C ILE D 89 17.23 25.72 -4.11
N ALA D 90 17.10 26.92 -3.57
CA ALA D 90 17.59 28.11 -4.26
C ALA D 90 18.06 29.15 -3.25
N PRO D 91 18.70 30.25 -3.72
CA PRO D 91 19.18 31.32 -2.83
C PRO D 91 18.04 31.90 -2.01
N GLU D 92 18.35 32.52 -0.88
CA GLU D 92 17.27 33.05 -0.03
C GLU D 92 16.44 34.16 -0.66
N ASP D 93 16.95 34.78 -1.72
CA ASP D 93 16.24 35.84 -2.43
C ASP D 93 15.42 35.35 -3.64
N THR D 94 15.23 34.03 -3.75
CA THR D 94 14.50 33.42 -4.88
C THR D 94 13.05 33.89 -5.08
N GLN D 95 12.75 34.27 -6.32
CA GLN D 95 11.41 34.73 -6.72
C GLN D 95 11.07 34.09 -8.06
N ILE D 96 9.77 34.04 -8.38
CA ILE D 96 9.34 33.47 -9.65
C ILE D 96 9.98 34.30 -10.75
N PRO D 97 10.64 33.65 -11.73
CA PRO D 97 11.28 34.39 -12.82
C PRO D 97 10.38 35.45 -13.47
N ALA D 98 10.97 36.61 -13.73
CA ALA D 98 10.26 37.73 -14.36
C ALA D 98 9.83 37.36 -15.78
N GLY D 99 8.54 37.49 -16.05
CA GLY D 99 8.01 37.17 -17.36
C GLY D 99 7.96 35.67 -17.59
N SER D 100 7.78 34.92 -16.49
CA SER D 100 7.70 33.47 -16.53
C SER D 100 6.61 32.98 -17.48
N ILE D 101 6.97 32.06 -18.37
CA ILE D 101 6.01 31.53 -19.33
C ILE D 101 5.30 30.30 -18.74
N GLY D 102 5.59 29.99 -17.48
CA GLY D 102 5.00 28.83 -16.85
C GLY D 102 5.42 27.62 -17.65
N GLY D 103 4.48 26.73 -17.94
CA GLY D 103 4.78 25.55 -18.73
C GLY D 103 5.99 24.70 -18.33
N GLY D 104 6.79 24.36 -19.33
CA GLY D 104 7.97 23.53 -19.14
C GLY D 104 9.14 24.04 -18.32
N THR D 105 9.03 25.25 -17.80
CA THR D 105 10.10 25.83 -16.98
C THR D 105 9.85 25.51 -15.50
N LEU D 106 8.69 24.91 -15.23
CA LEU D 106 8.28 24.52 -13.88
C LEU D 106 8.28 25.64 -12.84
N GLY D 107 8.30 26.87 -13.34
CA GLY D 107 8.28 28.05 -12.49
C GLY D 107 9.59 28.36 -11.80
N VAL D 108 10.69 27.78 -12.29
CA VAL D 108 11.99 28.00 -11.68
C VAL D 108 13.07 28.51 -12.63
N SER D 109 12.81 28.45 -13.92
CA SER D 109 13.80 28.89 -14.90
C SER D 109 13.24 29.90 -15.91
N ASP D 110 14.14 30.43 -16.72
CA ASP D 110 13.76 31.37 -17.77
C ASP D 110 13.32 30.56 -18.97
N THR D 111 13.18 31.23 -20.11
CA THR D 111 12.74 30.59 -21.35
C THR D 111 13.73 29.54 -21.87
N LYS D 112 15.03 29.82 -21.72
CA LYS D 112 16.06 28.90 -22.15
C LYS D 112 16.07 27.66 -21.26
N GLY D 113 15.44 27.75 -20.10
CA GLY D 113 15.43 26.63 -19.16
C GLY D 113 16.57 26.72 -18.15
N ALA D 114 17.18 27.88 -18.07
CA ALA D 114 18.28 28.14 -17.15
C ALA D 114 17.78 28.88 -15.91
N GLY D 115 18.49 28.72 -14.79
CA GLY D 115 18.10 29.36 -13.55
C GLY D 115 19.13 29.06 -12.48
N HIS D 116 18.87 29.48 -11.27
CA HIS D 116 19.82 29.21 -10.19
C HIS D 116 19.10 28.42 -9.11
N PHE D 117 19.21 27.10 -9.21
CA PHE D 117 18.55 26.21 -8.29
C PHE D 117 19.08 24.79 -8.49
N VAL D 118 18.71 23.92 -7.56
CA VAL D 118 19.05 22.50 -7.59
C VAL D 118 17.73 21.87 -7.15
N GLY D 119 17.29 20.83 -7.85
CA GLY D 119 16.04 20.21 -7.47
C GLY D 119 15.75 18.89 -8.15
N VAL D 120 14.65 18.25 -7.75
CA VAL D 120 14.18 16.97 -8.26
C VAL D 120 12.81 17.23 -8.90
N GLU D 121 12.66 16.90 -10.19
CA GLU D 121 11.41 17.15 -10.89
C GLU D 121 10.55 15.92 -11.19
N PHE D 122 9.24 16.09 -11.17
CA PHE D 122 8.29 15.03 -11.47
C PHE D 122 7.55 15.60 -12.68
N ASP D 123 8.20 15.43 -13.83
CA ASP D 123 7.75 15.96 -15.10
C ASP D 123 6.71 15.14 -15.83
N THR D 124 5.55 15.73 -16.06
CA THR D 124 4.47 15.05 -16.75
C THR D 124 4.28 15.49 -18.21
N TYR D 125 5.30 16.10 -18.80
CA TYR D 125 5.20 16.54 -20.20
C TYR D 125 6.57 16.67 -20.87
N SER D 126 6.70 16.04 -22.03
CA SER D 126 7.94 16.04 -22.78
C SER D 126 8.18 17.32 -23.60
N ASN D 127 8.97 18.23 -23.04
CA ASN D 127 9.32 19.48 -23.71
C ASN D 127 10.63 19.28 -24.44
N SER D 128 10.54 19.09 -25.75
CA SER D 128 11.72 18.87 -26.60
C SER D 128 12.76 19.99 -26.53
N GLU D 129 12.31 21.21 -26.26
CA GLU D 129 13.22 22.35 -26.17
C GLU D 129 14.18 22.24 -24.99
N TYR D 130 13.80 21.41 -24.00
CA TYR D 130 14.63 21.23 -22.81
C TYR D 130 15.20 19.81 -22.80
N ASN D 131 15.07 19.12 -23.94
CA ASN D 131 15.57 17.77 -24.13
C ASN D 131 14.94 16.76 -23.18
N ASP D 132 13.64 16.88 -23.00
CA ASP D 132 12.90 15.98 -22.14
C ASP D 132 12.78 14.60 -22.75
N PRO D 133 12.74 13.55 -21.90
CA PRO D 133 12.60 12.17 -22.34
C PRO D 133 11.18 12.05 -22.87
N PRO D 134 10.91 11.06 -23.73
CA PRO D 134 9.59 10.85 -24.31
C PRO D 134 8.46 10.38 -23.40
N THR D 135 8.75 10.13 -22.12
CA THR D 135 7.71 9.65 -21.18
C THR D 135 7.77 10.46 -19.90
N ASP D 136 6.84 10.21 -18.98
CA ASP D 136 6.85 10.90 -17.69
C ASP D 136 8.17 10.50 -17.07
N HIS D 137 8.73 11.36 -16.22
CA HIS D 137 10.00 11.02 -15.64
C HIS D 137 10.32 11.80 -14.39
N VAL D 138 11.32 11.34 -13.66
CA VAL D 138 11.80 12.01 -12.48
C VAL D 138 13.20 12.41 -12.92
N GLY D 139 13.68 13.58 -12.49
CA GLY D 139 15.01 14.03 -12.89
C GLY D 139 15.74 14.89 -11.88
N ILE D 140 17.07 14.92 -11.98
CA ILE D 140 17.87 15.73 -11.08
C ILE D 140 18.27 16.95 -11.91
N ASP D 141 17.89 18.13 -11.42
CA ASP D 141 18.18 19.38 -12.11
C ASP D 141 19.20 20.21 -11.37
N VAL D 142 20.22 20.64 -12.09
CA VAL D 142 21.25 21.49 -11.50
C VAL D 142 21.33 22.76 -12.34
N ASN D 143 20.69 23.83 -11.87
CA ASN D 143 20.67 25.12 -12.57
C ASN D 143 20.03 25.08 -13.97
N SER D 144 19.17 24.10 -14.22
CA SER D 144 18.52 24.01 -15.52
C SER D 144 17.44 22.94 -15.53
N VAL D 145 16.42 23.10 -16.37
CA VAL D 145 15.37 22.08 -16.46
C VAL D 145 15.75 21.05 -17.51
N ASP D 146 16.94 21.21 -18.09
CA ASP D 146 17.46 20.23 -19.03
C ASP D 146 18.19 19.36 -18.01
N SER D 147 17.48 18.35 -17.51
CA SER D 147 18.00 17.46 -16.47
C SER D 147 19.36 16.82 -16.71
N VAL D 148 20.15 16.78 -15.63
CA VAL D 148 21.47 16.16 -15.63
C VAL D 148 21.32 14.64 -15.79
N LYS D 149 20.27 14.11 -15.17
CA LYS D 149 19.97 12.68 -15.21
C LYS D 149 18.48 12.49 -14.97
N THR D 150 17.87 11.54 -15.68
CA THR D 150 16.44 11.23 -15.52
C THR D 150 16.18 9.72 -15.46
N VAL D 151 14.97 9.35 -15.08
CA VAL D 151 14.56 7.95 -15.00
C VAL D 151 13.06 7.87 -15.34
N PRO D 152 12.65 6.94 -16.22
CA PRO D 152 11.26 6.77 -16.60
C PRO D 152 10.37 6.61 -15.36
N TRP D 153 9.17 7.15 -15.44
CA TRP D 153 8.24 7.10 -14.33
C TRP D 153 6.85 7.16 -14.93
N ASN D 154 5.82 7.10 -14.09
CA ASN D 154 4.45 7.13 -14.58
C ASN D 154 3.57 7.86 -13.59
N SER D 155 2.91 8.93 -14.06
CA SER D 155 2.03 9.72 -13.21
C SER D 155 0.60 9.23 -13.35
N VAL D 156 0.03 8.82 -12.22
CA VAL D 156 -1.33 8.31 -12.18
C VAL D 156 -2.26 9.34 -11.54
N SER D 157 -3.25 9.77 -12.33
CA SER D 157 -4.23 10.77 -11.91
C SER D 157 -4.99 10.37 -10.65
N GLY D 158 -5.02 11.28 -9.68
CA GLY D 158 -5.72 11.03 -8.44
C GLY D 158 -4.97 10.10 -7.50
N ALA D 159 -3.70 9.82 -7.78
CA ALA D 159 -2.92 8.92 -6.94
C ALA D 159 -2.03 9.66 -5.96
N VAL D 160 -2.04 9.24 -4.70
CA VAL D 160 -1.16 9.86 -3.70
C VAL D 160 0.23 9.22 -3.84
N VAL D 161 1.23 10.03 -4.17
CA VAL D 161 2.61 9.56 -4.33
C VAL D 161 3.42 9.98 -3.12
N LYS D 162 4.39 9.16 -2.70
CA LYS D 162 5.24 9.48 -1.55
C LYS D 162 6.68 9.49 -2.02
N VAL D 163 7.47 10.44 -1.52
CA VAL D 163 8.86 10.58 -1.91
C VAL D 163 9.77 10.78 -0.71
N THR D 164 10.93 10.14 -0.73
CA THR D 164 11.91 10.27 0.34
C THR D 164 13.23 10.63 -0.33
N VAL D 165 13.91 11.64 0.22
CA VAL D 165 15.16 12.14 -0.32
C VAL D 165 16.24 12.18 0.77
N ILE D 166 17.44 11.74 0.41
CA ILE D 166 18.57 11.73 1.35
C ILE D 166 19.78 12.36 0.67
N TYR D 167 20.43 13.29 1.35
CA TYR D 167 21.63 13.92 0.80
C TYR D 167 22.77 13.68 1.78
N ASP D 168 23.80 12.98 1.32
CA ASP D 168 24.96 12.67 2.15
C ASP D 168 26.10 13.65 1.86
N SER D 169 26.43 14.47 2.85
CA SER D 169 27.45 15.48 2.71
C SER D 169 28.83 14.97 2.27
N SER D 170 29.26 13.86 2.88
CA SER D 170 30.57 13.25 2.59
C SER D 170 30.78 12.88 1.12
N THR D 171 29.82 12.18 0.54
CA THR D 171 29.90 11.74 -0.84
C THR D 171 29.21 12.74 -1.77
N LYS D 172 28.47 13.67 -1.19
CA LYS D 172 27.74 14.68 -1.94
C LYS D 172 26.76 13.99 -2.86
N THR D 173 26.16 12.92 -2.37
CA THR D 173 25.20 12.16 -3.16
C THR D 173 23.81 12.51 -2.76
N LEU D 174 22.95 12.69 -3.75
CA LEU D 174 21.55 12.99 -3.55
C LEU D 174 20.79 11.80 -4.13
N SER D 175 20.01 11.10 -3.30
CA SER D 175 19.24 9.94 -3.78
C SER D 175 17.79 10.10 -3.42
N VAL D 176 16.93 9.72 -4.35
CA VAL D 176 15.47 9.84 -4.21
C VAL D 176 14.77 8.50 -4.36
N ALA D 177 13.73 8.27 -3.56
CA ALA D 177 12.95 7.04 -3.64
C ALA D 177 11.50 7.45 -3.78
N VAL D 178 10.88 7.05 -4.88
CA VAL D 178 9.49 7.39 -5.13
C VAL D 178 8.61 6.15 -5.00
N THR D 179 7.67 6.19 -4.08
CA THR D 179 6.77 5.07 -3.87
C THR D 179 5.45 5.31 -4.59
N ASN D 180 5.25 4.61 -5.70
CA ASN D 180 4.01 4.73 -6.49
C ASN D 180 2.78 4.17 -5.77
N ASP D 181 1.61 4.44 -6.32
CA ASP D 181 0.33 3.99 -5.76
C ASP D 181 0.24 2.46 -5.66
N ASN D 182 0.64 1.77 -6.74
CA ASN D 182 0.59 0.31 -6.80
C ASN D 182 1.66 -0.43 -5.98
N GLY D 183 2.48 0.30 -5.23
CA GLY D 183 3.50 -0.31 -4.41
C GLY D 183 4.92 -0.25 -4.96
N ASP D 184 5.05 -0.18 -6.28
CA ASP D 184 6.38 -0.14 -6.90
C ASP D 184 7.18 1.10 -6.51
N ILE D 185 8.49 1.00 -6.49
CA ILE D 185 9.32 2.15 -6.15
C ILE D 185 10.23 2.47 -7.32
N THR D 186 10.62 3.74 -7.42
CA THR D 186 11.50 4.23 -8.48
C THR D 186 12.58 5.01 -7.77
N THR D 187 13.83 4.82 -8.17
CA THR D 187 14.91 5.55 -7.55
C THR D 187 15.82 6.19 -8.57
N ILE D 188 16.54 7.22 -8.13
CA ILE D 188 17.51 7.97 -8.94
C ILE D 188 18.44 8.66 -7.97
N ALA D 189 19.73 8.64 -8.29
CA ALA D 189 20.74 9.25 -7.42
C ALA D 189 21.75 9.97 -8.30
N GLN D 190 22.34 11.04 -7.77
CA GLN D 190 23.30 11.82 -8.52
C GLN D 190 24.21 12.58 -7.57
N VAL D 191 25.49 12.70 -7.92
CA VAL D 191 26.45 13.45 -7.11
C VAL D 191 26.36 14.94 -7.48
N VAL D 192 26.00 15.75 -6.48
CA VAL D 192 25.83 17.18 -6.65
C VAL D 192 26.55 17.90 -5.52
N ASP D 193 27.53 18.73 -5.88
CA ASP D 193 28.25 19.50 -4.87
C ASP D 193 27.48 20.79 -4.53
N LEU D 194 26.62 20.75 -3.51
CA LEU D 194 25.83 21.91 -3.09
C LEU D 194 26.67 23.16 -2.80
N LYS D 195 27.84 22.94 -2.21
CA LYS D 195 28.74 24.02 -1.86
C LYS D 195 29.31 24.80 -3.04
N ALA D 196 29.27 24.21 -4.22
CA ALA D 196 29.81 24.88 -5.40
C ALA D 196 28.73 25.42 -6.32
N LYS D 197 27.48 25.04 -6.04
CA LYS D 197 26.35 25.45 -6.87
C LYS D 197 25.43 26.47 -6.21
N LEU D 198 25.37 26.44 -4.89
CA LEU D 198 24.51 27.33 -4.12
C LEU D 198 25.27 28.06 -3.04
N PRO D 199 24.68 29.12 -2.47
CA PRO D 199 25.35 29.89 -1.42
C PRO D 199 25.07 29.30 -0.02
N GLU D 200 25.77 29.82 0.98
CA GLU D 200 25.62 29.35 2.35
C GLU D 200 24.18 29.23 2.86
N ARG D 201 23.36 30.25 2.58
CA ARG D 201 21.97 30.25 3.01
C ARG D 201 21.05 30.02 1.82
N VAL D 202 20.10 29.10 1.99
CA VAL D 202 19.17 28.77 0.92
C VAL D 202 17.79 28.54 1.47
N LYS D 203 16.83 28.38 0.57
CA LYS D 203 15.45 28.11 0.90
C LYS D 203 14.94 26.90 0.10
N PHE D 204 14.16 26.05 0.80
CA PHE D 204 13.57 24.83 0.24
C PHE D 204 12.09 25.04 -0.03
N GLY D 205 11.59 24.41 -1.09
CA GLY D 205 10.18 24.53 -1.42
C GLY D 205 9.80 23.76 -2.67
N PHE D 206 8.53 23.87 -3.05
CA PHE D 206 8.02 23.20 -4.26
C PHE D 206 7.50 24.26 -5.23
N SER D 207 7.35 23.89 -6.49
CA SER D 207 6.86 24.79 -7.53
C SER D 207 6.12 23.95 -8.54
N ALA D 208 5.17 24.55 -9.23
CA ALA D 208 4.36 23.87 -10.24
C ALA D 208 3.94 24.90 -11.27
N SER D 209 3.58 24.45 -12.46
CA SER D 209 3.19 25.38 -13.51
C SER D 209 2.30 24.75 -14.56
N GLY D 210 1.71 25.63 -15.37
CA GLY D 210 0.84 25.21 -16.46
C GLY D 210 1.05 26.14 -17.63
N SER D 211 0.33 25.90 -18.71
CA SER D 211 0.44 26.74 -19.89
C SER D 211 -0.98 27.11 -20.30
N LEU D 212 -1.18 27.40 -21.58
CA LEU D 212 -2.50 27.76 -22.07
C LEU D 212 -3.35 26.49 -22.12
N GLY D 213 -2.88 25.50 -22.87
CA GLY D 213 -3.60 24.26 -23.02
C GLY D 213 -3.24 23.16 -22.03
N GLY D 214 -2.11 23.31 -21.35
CA GLY D 214 -1.71 22.31 -20.38
C GLY D 214 -2.01 22.74 -18.97
N ARG D 215 -2.92 22.03 -18.29
CA ARG D 215 -3.30 22.32 -16.91
C ARG D 215 -3.79 21.05 -16.20
N GLN D 216 -3.51 20.96 -14.91
CA GLN D 216 -3.91 19.82 -14.08
C GLN D 216 -3.77 20.27 -12.63
N ILE D 217 -4.30 19.47 -11.70
CA ILE D 217 -4.23 19.77 -10.28
C ILE D 217 -2.88 19.33 -9.72
N HIS D 218 -2.22 20.23 -8.99
CA HIS D 218 -0.93 19.93 -8.36
C HIS D 218 -1.15 20.16 -6.87
N LEU D 219 -1.13 19.10 -6.08
CA LEU D 219 -1.33 19.19 -4.64
C LEU D 219 -0.13 18.73 -3.81
N ILE D 220 0.13 19.43 -2.72
CA ILE D 220 1.18 19.06 -1.79
C ILE D 220 0.37 18.72 -0.53
N ARG D 221 0.50 17.50 -0.04
CA ARG D 221 -0.27 17.06 1.12
C ARG D 221 0.42 17.09 2.47
N SER D 222 1.72 16.81 2.50
CA SER D 222 2.46 16.84 3.75
C SER D 222 3.95 17.01 3.45
N TRP D 223 4.72 17.35 4.48
CA TRP D 223 6.15 17.57 4.28
C TRP D 223 6.91 17.60 5.61
N SER D 224 7.95 16.78 5.73
CA SER D 224 8.80 16.76 6.91
C SER D 224 10.23 16.92 6.45
N PHE D 225 11.03 17.60 7.26
CA PHE D 225 12.41 17.88 6.89
C PHE D 225 13.29 17.99 8.14
N THR D 226 14.54 17.57 7.99
CA THR D 226 15.56 17.61 9.04
C THR D 226 16.90 17.75 8.33
N SER D 227 17.73 18.67 8.82
CA SER D 227 19.07 18.89 8.25
C SER D 227 19.99 19.10 9.42
N THR D 228 21.22 18.56 9.30
CA THR D 228 22.22 18.68 10.36
C THR D 228 23.55 19.07 9.78
N LEU D 229 24.10 20.18 10.28
CA LEU D 229 25.40 20.66 9.83
C LEU D 229 26.34 20.54 11.01
N ILE D 230 27.47 19.87 10.80
CA ILE D 230 28.46 19.70 11.85
C ILE D 230 29.20 21.02 11.99
N THR D 231 29.02 21.65 13.15
CA THR D 231 29.65 22.92 13.44
C THR D 231 30.92 22.74 14.25
N THR D 232 31.94 22.15 13.63
CA THR D 232 33.22 21.90 14.28
C THR D 232 34.20 21.18 13.35
C1 MBG E . 35.16 -8.21 24.67
C2 MBG E . 34.68 -8.42 23.30
C3 MBG E . 34.04 -7.14 22.75
C4 MBG E . 32.96 -6.60 23.75
C5 MBG E . 33.65 -6.38 25.08
C6 MBG E . 32.99 -5.70 26.25
C7 MBG E . 36.70 -9.31 26.18
O1 MBG E . 35.74 -9.45 25.12
O2 MBG E . 35.82 -8.82 22.56
O3 MBG E . 33.48 -7.49 21.50
O4 MBG E . 31.95 -7.56 23.86
O5 MBG E . 34.11 -7.68 25.48
O6 MBG E . 33.98 -5.55 27.24
CA CA F . 32.82 -3.36 17.27
MN MN G . 32.78 -1.48 13.95
C1 MBG H . -14.77 -35.45 -21.05
C2 MBG H . -14.27 -34.97 -19.68
C3 MBG H . -14.75 -33.57 -19.30
C4 MBG H . -14.35 -32.59 -20.52
C5 MBG H . -14.95 -33.22 -21.82
C6 MBG H . -14.81 -32.55 -23.19
C7 MBG H . -14.86 -37.87 -21.19
O1 MBG H . -14.13 -36.67 -21.42
O2 MBG H . -14.81 -35.82 -18.74
O3 MBG H . -14.18 -33.29 -18.04
O4 MBG H . -12.97 -32.33 -20.67
O5 MBG H . -14.46 -34.51 -22.04
O6 MBG H . -15.56 -33.31 -24.15
CA CA I . -17.42 -29.47 -14.86
MN MN J . -18.88 -27.32 -12.35
C1 MBG K . -21.72 15.47 21.50
C2 MBG K . -22.51 14.89 20.36
C3 MBG K . -21.65 13.85 19.67
C4 MBG K . -20.24 14.39 19.29
C5 MBG K . -19.57 15.04 20.49
C6 MBG K . -18.21 15.66 20.27
C7 MBG K . -21.97 16.95 23.33
O1 MBG K . -22.54 16.42 22.14
O2 MBG K . -23.73 14.35 20.84
O3 MBG K . -22.34 13.51 18.48
O4 MBG K . -20.34 15.33 18.23
O5 MBG K . -20.47 16.03 21.00
O6 MBG K . -17.72 16.14 21.51
CA CA L . -21.10 7.92 17.09
MN MN M . -21.88 3.93 15.87
C1 MBG N . 2.96 23.77 -24.29
C2 MBG N . 3.99 23.98 -23.16
C3 MBG N . 4.26 22.70 -22.42
C4 MBG N . 2.90 22.10 -21.95
C5 MBG N . 1.98 21.86 -23.18
C6 MBG N . 0.65 21.12 -23.03
C7 MBG N . 2.85 24.99 -26.33
O1 MBG N . 2.71 25.02 -24.91
O2 MBG N . 5.25 24.45 -23.63
O3 MBG N . 5.12 23.03 -21.35
O4 MBG N . 2.30 22.98 -21.05
O5 MBG N . 1.75 23.14 -23.78
O6 MBG N . 0.11 20.80 -24.29
CA CA O . 8.56 18.96 -19.17
MN MN P . 12.15 16.88 -17.45
#